data_8D4U
#
_entry.id   8D4U
#
_cell.length_a   152.507
_cell.length_b   56.009
_cell.length_c   86.041
_cell.angle_alpha   90.000
_cell.angle_beta   95.050
_cell.angle_gamma   90.000
#
_symmetry.space_group_name_H-M   'C 1 2 1'
#
loop_
_entity.id
_entity.type
_entity.pdbx_description
1 polymer 'Neutrophil elastase'
2 polymer 'Extracellular Adherence Protein'
3 branched 2-acetamido-2-deoxy-beta-D-glucopyranose-(1-4)-[alpha-L-fucopyranose-(1-6)]2-acetamido-2-deoxy-beta-D-glucopyranose
4 non-polymer 2-acetamido-2-deoxy-beta-D-glucopyranose
5 water water
#
loop_
_entity_poly.entity_id
_entity_poly.type
_entity_poly.pdbx_seq_one_letter_code
_entity_poly.pdbx_strand_id
1 'polypeptide(L)'
;IVGGRRARPHAWPFMVSLQLRGGHFCGATLIAPNFVMSAAHCVANVNVRAVRVVLGAHNLSRREPTRQVFAVQRIFENGY
DPVNLLNDIVILQLNGSATINANVQVAQLPAQGRRLGNGVQCLAMGWGLLGRNRGIASVLQELNVTVVTSLCRRSNVCTL
VRGRQAGVCFGDSGSPLVCNGLIHGIASFVRGGCASGLYPDAFAPVAQFVNWIDSIIQ
;
A,B
2 'polypeptide(L)'
;GSTVQVPYTITVNGTSQNILSNLTFNKNQNISYKDLEGKVKSVLESNRGITDVDLRLSKQAKYTVNFKNGTKKVIDLKSG
IYTANLINSSDIKSININVD
;
C,D
#
loop_
_chem_comp.id
_chem_comp.type
_chem_comp.name
_chem_comp.formula
FUC L-saccharide, alpha linking alpha-L-fucopyranose 'C6 H12 O5'
NAG D-saccharide, beta linking 2-acetamido-2-deoxy-beta-D-glucopyranose 'C8 H15 N O6'
#
# COMPACT_ATOMS: atom_id res chain seq x y z
N ILE A 1 -9.56 -17.51 0.36
CA ILE A 1 -9.57 -17.35 -1.09
C ILE A 1 -10.62 -16.30 -1.41
N VAL A 2 -10.19 -15.16 -1.97
CA VAL A 2 -11.08 -14.09 -2.38
C VAL A 2 -11.37 -14.28 -3.87
N GLY A 3 -12.65 -14.21 -4.25
CA GLY A 3 -13.03 -14.30 -5.64
C GLY A 3 -13.01 -15.68 -6.26
N GLY A 4 -12.93 -16.72 -5.46
CA GLY A 4 -12.95 -18.08 -5.94
C GLY A 4 -14.36 -18.61 -6.07
N ARG A 5 -14.47 -19.93 -6.05
CA ARG A 5 -15.73 -20.63 -6.12
C ARG A 5 -15.65 -21.82 -5.20
N ARG A 6 -16.80 -22.39 -4.86
CA ARG A 6 -16.80 -23.61 -4.09
C ARG A 6 -16.16 -24.73 -4.90
N ALA A 7 -15.29 -25.50 -4.23
CA ALA A 7 -14.83 -26.76 -4.80
C ALA A 7 -15.95 -27.78 -4.75
N ARG A 8 -15.99 -28.66 -5.75
CA ARG A 8 -16.89 -29.79 -5.68
C ARG A 8 -16.46 -30.67 -4.50
N PRO A 9 -17.41 -31.35 -3.85
CA PRO A 9 -17.05 -32.14 -2.65
C PRO A 9 -15.91 -33.13 -2.86
N HIS A 10 -14.84 -32.96 -2.07
CA HIS A 10 -13.69 -33.85 -2.06
C HIS A 10 -13.00 -33.91 -3.42
N ALA A 11 -13.03 -32.80 -4.15
CA ALA A 11 -12.33 -32.73 -5.44
C ALA A 11 -10.82 -32.79 -5.27
N TRP A 12 -10.31 -32.40 -4.11
CA TRP A 12 -8.88 -32.27 -3.87
C TRP A 12 -8.53 -33.04 -2.61
N PRO A 13 -8.56 -34.38 -2.68
CA PRO A 13 -8.50 -35.19 -1.46
C PRO A 13 -7.17 -35.15 -0.72
N PHE A 14 -6.16 -34.44 -1.24
CA PHE A 14 -4.93 -34.20 -0.52
C PHE A 14 -5.00 -32.95 0.38
N MET A 15 -6.09 -32.19 0.30
CA MET A 15 -6.19 -30.92 1.01
C MET A 15 -6.40 -31.15 2.50
N VAL A 16 -5.71 -30.38 3.32
CA VAL A 16 -5.63 -30.58 4.77
C VAL A 16 -6.00 -29.27 5.48
N SER A 17 -6.74 -29.37 6.58
CA SER A 17 -6.97 -28.22 7.45
C SER A 17 -6.18 -28.39 8.74
N LEU A 18 -5.31 -27.42 9.06
CA LEU A 18 -4.63 -27.39 10.35
C LEU A 18 -5.45 -26.56 11.33
N GLN A 19 -5.70 -27.10 12.51
CA GLN A 19 -6.63 -26.48 13.41
C GLN A 19 -6.06 -26.39 14.82
N LEU A 20 -6.48 -25.36 15.52
CA LEU A 20 -6.25 -25.17 16.95
C LEU A 20 -7.62 -25.03 17.61
N ARG A 21 -7.64 -24.61 18.87
CA ARG A 21 -8.90 -24.54 19.62
C ARG A 21 -9.97 -23.77 18.86
N GLY A 22 -9.60 -22.62 18.29
CA GLY A 22 -10.46 -21.74 17.52
C GLY A 22 -10.71 -22.14 16.08
N GLY A 23 -10.25 -23.32 15.67
CA GLY A 23 -10.54 -23.83 14.34
C GLY A 23 -9.39 -23.70 13.37
N HIS A 24 -9.75 -23.73 12.09
CA HIS A 24 -8.79 -23.65 10.99
C HIS A 24 -7.92 -22.39 11.12
N PHE A 25 -6.60 -22.56 10.98
CA PHE A 25 -5.67 -21.43 10.91
C PHE A 25 -4.73 -21.51 9.73
N CYS A 26 -4.57 -22.66 9.11
CA CYS A 26 -3.64 -22.83 8.00
C CYS A 26 -4.08 -24.04 7.22
N GLY A 27 -3.72 -24.08 5.94
CA GLY A 27 -3.87 -25.30 5.14
C GLY A 27 -2.59 -26.14 5.17
N ALA A 28 -2.64 -27.27 4.48
CA ALA A 28 -1.50 -28.17 4.31
C ALA A 28 -1.86 -29.17 3.21
N THR A 29 -0.90 -30.01 2.86
CA THR A 29 -1.06 -30.99 1.79
C THR A 29 -0.54 -32.36 2.24
N LEU A 30 -1.34 -33.40 2.03
CA LEU A 30 -0.90 -34.77 2.35
C LEU A 30 0.07 -35.25 1.27
N ILE A 31 1.30 -35.56 1.67
CA ILE A 31 2.33 -35.97 0.72
C ILE A 31 2.81 -37.39 0.93
N ALA A 32 2.39 -38.04 2.02
CA ALA A 32 2.52 -39.46 2.26
C ALA A 32 1.44 -39.81 3.27
N PRO A 33 1.14 -41.09 3.48
CA PRO A 33 0.05 -41.37 4.44
C PRO A 33 0.30 -40.77 5.81
N ASN A 34 1.55 -40.59 6.23
CA ASN A 34 1.85 -40.12 7.58
C ASN A 34 2.65 -38.82 7.59
N PHE A 35 2.60 -38.05 6.50
CA PHE A 35 3.28 -36.76 6.40
C PHE A 35 2.39 -35.75 5.69
N VAL A 36 2.32 -34.53 6.23
CA VAL A 36 1.72 -33.42 5.51
C VAL A 36 2.76 -32.30 5.43
N MET A 37 2.57 -31.43 4.45
CA MET A 37 3.48 -30.36 4.08
C MET A 37 2.74 -29.03 4.18
N SER A 38 3.35 -28.04 4.83
CA SER A 38 2.71 -26.74 5.06
C SER A 38 3.78 -25.67 5.04
N ALA A 39 3.40 -24.42 5.37
CA ALA A 39 4.37 -23.34 5.52
C ALA A 39 4.99 -23.37 6.92
N ALA A 40 6.30 -23.11 6.99
CA ALA A 40 6.98 -23.05 8.30
C ALA A 40 6.41 -21.96 9.20
N HIS A 41 6.00 -20.82 8.62
CA HIS A 41 5.45 -19.75 9.44
C HIS A 41 4.12 -20.14 10.06
N CYS A 42 3.45 -21.18 9.53
CA CYS A 42 2.17 -21.62 10.10
C CYS A 42 2.34 -22.20 11.50
N VAL A 43 3.49 -22.81 11.81
CA VAL A 43 3.67 -23.43 13.12
C VAL A 43 4.84 -22.87 13.90
N ALA A 44 5.61 -21.93 13.34
CA ALA A 44 6.75 -21.39 14.08
C ALA A 44 6.35 -20.87 15.46
N ASN A 45 5.21 -20.18 15.56
CA ASN A 45 4.80 -19.51 16.78
C ASN A 45 3.62 -20.19 17.48
N VAL A 46 3.34 -21.46 17.16
CA VAL A 46 2.23 -22.16 17.81
C VAL A 46 2.79 -23.36 18.57
N ASN A 47 1.99 -23.85 19.51
CA ASN A 47 2.33 -25.07 20.24
C ASN A 47 1.98 -26.23 19.32
N VAL A 48 3.00 -26.89 18.76
CA VAL A 48 2.74 -27.97 17.82
C VAL A 48 1.98 -29.11 18.51
N ARG A 49 2.11 -29.23 19.84
CA ARG A 49 1.38 -30.29 20.53
C ARG A 49 -0.12 -30.10 20.48
N ALA A 50 -0.58 -28.89 20.21
CA ALA A 50 -2.00 -28.58 20.17
C ALA A 50 -2.60 -28.65 18.77
N VAL A 51 -1.79 -28.82 17.73
CA VAL A 51 -2.29 -28.77 16.35
C VAL A 51 -3.01 -30.06 16.03
N ARG A 52 -4.21 -29.95 15.45
CA ARG A 52 -4.93 -31.08 14.90
C ARG A 52 -4.88 -31.02 13.38
N VAL A 53 -4.55 -32.14 12.78
CA VAL A 53 -4.43 -32.28 11.33
C VAL A 53 -5.69 -32.96 10.85
N VAL A 54 -6.53 -32.23 10.13
CA VAL A 54 -7.84 -32.72 9.68
C VAL A 54 -7.77 -33.08 8.21
N LEU A 55 -7.92 -34.35 7.90
CA LEU A 55 -7.93 -34.88 6.53
C LEU A 55 -9.34 -35.21 6.10
N GLY A 56 -9.58 -35.13 4.79
CA GLY A 56 -10.88 -35.52 4.27
C GLY A 56 -12.02 -34.57 4.55
N ALA A 57 -11.74 -33.30 4.84
CA ALA A 57 -12.76 -32.32 5.14
C ALA A 57 -13.26 -31.63 3.87
N HIS A 58 -14.45 -31.04 3.97
CA HIS A 58 -14.94 -30.25 2.85
C HIS A 58 -15.60 -29.00 3.39
N ASN A 59 -16.57 -29.16 4.29
CA ASN A 59 -17.30 -28.07 4.90
C ASN A 59 -16.93 -28.03 6.37
N LEU A 60 -16.12 -27.03 6.76
CA LEU A 60 -15.57 -27.01 8.10
C LEU A 60 -16.63 -26.70 9.16
N SER A 61 -17.79 -26.19 8.75
CA SER A 61 -18.84 -25.88 9.71
C SER A 61 -19.77 -27.06 10.00
N ARG A 62 -19.50 -28.23 9.43
CA ARG A 62 -20.33 -29.41 9.63
C ARG A 62 -19.50 -30.54 10.23
N ARG A 63 -20.14 -31.36 11.05
CA ARG A 63 -19.54 -32.62 11.47
C ARG A 63 -19.48 -33.56 10.27
N GLU A 64 -18.28 -33.99 9.90
CA GLU A 64 -18.10 -34.77 8.69
C GLU A 64 -17.50 -36.13 9.03
N PRO A 65 -18.26 -37.23 8.91
CA PRO A 65 -17.68 -38.55 9.21
C PRO A 65 -16.55 -38.96 8.30
N THR A 66 -16.44 -38.34 7.11
CA THR A 66 -15.32 -38.60 6.21
C THR A 66 -13.98 -38.09 6.75
N ARG A 67 -13.97 -37.38 7.87
CA ARG A 67 -12.73 -36.80 8.37
C ARG A 67 -11.89 -37.81 9.13
N GLN A 68 -10.57 -37.67 8.97
CA GLN A 68 -9.57 -38.36 9.78
C GLN A 68 -8.73 -37.29 10.46
N VAL A 69 -8.52 -37.42 11.77
CA VAL A 69 -7.83 -36.40 12.55
C VAL A 69 -6.59 -37.00 13.21
N PHE A 70 -5.46 -36.32 13.05
CA PHE A 70 -4.18 -36.78 13.57
C PHE A 70 -3.54 -35.66 14.38
N ALA A 71 -2.63 -36.05 15.27
CA ALA A 71 -1.75 -35.11 15.92
C ALA A 71 -0.42 -35.05 15.16
N VAL A 72 0.38 -34.04 15.49
CA VAL A 72 1.70 -33.89 14.90
C VAL A 72 2.73 -34.50 15.86
N GLN A 73 3.40 -35.54 15.40
CA GLN A 73 4.39 -36.25 16.21
C GLN A 73 5.77 -35.62 16.10
N ARG A 74 6.11 -35.08 14.93
CA ARG A 74 7.43 -34.53 14.67
C ARG A 74 7.32 -33.54 13.52
N ILE A 75 8.17 -32.50 13.54
CA ILE A 75 8.22 -31.54 12.44
C ILE A 75 9.64 -31.49 11.89
N PHE A 76 9.73 -31.11 10.61
CA PHE A 76 11.00 -31.02 9.90
C PHE A 76 11.03 -29.70 9.15
N GLU A 77 12.06 -28.90 9.37
CA GLU A 77 12.27 -27.67 8.65
C GLU A 77 13.59 -27.76 7.89
N ASN A 78 13.80 -26.81 6.97
CA ASN A 78 14.95 -26.85 6.10
C ASN A 78 15.48 -25.44 5.87
N GLY A 79 15.95 -24.81 6.94
CA GLY A 79 16.60 -23.51 6.80
C GLY A 79 15.62 -22.36 6.65
N TYR A 80 14.53 -22.40 7.40
CA TYR A 80 13.51 -21.34 7.31
C TYR A 80 14.09 -20.01 7.78
N ASP A 81 13.80 -18.94 7.03
CA ASP A 81 14.25 -17.58 7.36
C ASP A 81 13.01 -16.73 7.51
N PRO A 82 12.55 -16.48 8.73
CA PRO A 82 11.25 -15.80 8.89
C PRO A 82 11.30 -14.33 8.54
N VAL A 83 12.47 -13.69 8.61
CA VAL A 83 12.57 -12.27 8.27
C VAL A 83 12.43 -12.07 6.77
N ASN A 84 13.15 -12.87 5.99
CA ASN A 84 13.11 -12.75 4.54
C ASN A 84 12.06 -13.66 3.91
N LEU A 85 11.35 -14.42 4.74
CA LEU A 85 10.32 -15.35 4.27
C LEU A 85 10.87 -16.29 3.19
N LEU A 86 12.02 -16.90 3.49
CA LEU A 86 12.68 -17.84 2.58
C LEU A 86 12.58 -19.25 3.13
N ASN A 87 12.48 -20.23 2.23
CA ASN A 87 12.40 -21.65 2.62
C ASN A 87 11.25 -21.86 3.59
N ASP A 88 10.08 -21.35 3.21
CA ASP A 88 8.91 -21.31 4.08
C ASP A 88 8.13 -22.59 3.89
N ILE A 89 8.71 -23.69 4.35
CA ILE A 89 8.13 -25.02 4.18
C ILE A 89 8.40 -25.82 5.46
N VAL A 90 7.43 -26.65 5.83
CA VAL A 90 7.60 -27.50 7.00
C VAL A 90 6.94 -28.83 6.67
N ILE A 91 7.55 -29.92 7.10
CA ILE A 91 6.90 -31.23 6.99
C ILE A 91 6.46 -31.66 8.38
N LEU A 92 5.21 -32.12 8.48
CA LEU A 92 4.64 -32.55 9.75
C LEU A 92 4.40 -34.04 9.68
N GLN A 93 5.07 -34.79 10.56
CA GLN A 93 4.81 -36.23 10.66
C GLN A 93 3.63 -36.47 11.58
N LEU A 94 2.66 -37.27 11.13
CA LEU A 94 1.47 -37.54 11.91
C LEU A 94 1.73 -38.70 12.91
N ASN A 95 0.88 -38.77 13.93
CA ASN A 95 0.92 -39.89 14.89
C ASN A 95 0.24 -41.13 14.34
N GLY A 96 0.48 -41.45 13.09
CA GLY A 96 -0.16 -42.58 12.44
C GLY A 96 -0.23 -42.29 10.96
N SER A 97 -0.81 -43.23 10.25
CA SER A 97 -0.96 -43.11 8.80
C SER A 97 -2.43 -42.97 8.43
N ALA A 98 -2.71 -42.03 7.54
CA ALA A 98 -4.05 -41.91 7.01
C ALA A 98 -4.47 -43.17 6.28
N THR A 99 -5.77 -43.47 6.33
CA THR A 99 -6.38 -44.48 5.48
C THR A 99 -6.74 -43.84 4.14
N ILE A 100 -6.13 -44.33 3.08
CA ILE A 100 -6.32 -43.77 1.75
C ILE A 100 -7.65 -44.25 1.17
N ASN A 101 -8.47 -43.33 0.68
CA ASN A 101 -9.76 -43.68 0.10
C ASN A 101 -10.17 -42.59 -0.88
N ALA A 102 -11.45 -42.58 -1.25
CA ALA A 102 -11.93 -41.58 -2.19
C ALA A 102 -11.72 -40.16 -1.67
N ASN A 103 -11.80 -39.97 -0.35
CA ASN A 103 -11.76 -38.64 0.24
C ASN A 103 -10.38 -38.23 0.76
N VAL A 104 -9.47 -39.18 1.01
CA VAL A 104 -8.14 -38.88 1.50
C VAL A 104 -7.14 -39.53 0.56
N GLN A 105 -6.32 -38.70 -0.11
CA GLN A 105 -5.37 -39.20 -1.08
C GLN A 105 -4.07 -38.40 -0.99
N VAL A 106 -3.00 -39.01 -1.45
CA VAL A 106 -1.67 -38.40 -1.37
C VAL A 106 -1.41 -37.60 -2.65
N ALA A 107 -0.84 -36.39 -2.50
CA ALA A 107 -0.60 -35.52 -3.64
C ALA A 107 0.67 -35.95 -4.41
N GLN A 108 0.74 -35.58 -5.68
CA GLN A 108 1.93 -35.81 -6.48
C GLN A 108 2.76 -34.53 -6.55
N LEU A 109 4.07 -34.68 -6.44
CA LEU A 109 5.03 -33.60 -6.38
C LEU A 109 5.82 -33.50 -7.68
N PRO A 110 6.33 -32.32 -8.02
CA PRO A 110 7.09 -32.18 -9.27
C PRO A 110 8.50 -32.72 -9.08
N ALA A 111 9.23 -32.73 -10.20
CA ALA A 111 10.65 -33.07 -10.18
C ALA A 111 11.47 -31.94 -9.55
N GLN A 112 12.57 -32.32 -8.91
CA GLN A 112 13.45 -31.33 -8.31
C GLN A 112 13.90 -30.32 -9.35
N GLY A 113 13.71 -29.03 -9.05
CA GLY A 113 14.22 -27.97 -9.90
C GLY A 113 13.29 -27.49 -10.99
N ARG A 114 12.16 -28.17 -11.23
CA ARG A 114 11.20 -27.71 -12.23
C ARG A 114 10.73 -26.31 -11.89
N ARG A 115 10.91 -25.37 -12.83
CA ARG A 115 10.51 -23.99 -12.63
C ARG A 115 9.42 -23.65 -13.65
N LEU A 116 8.29 -23.14 -13.16
CA LEU A 116 7.16 -22.81 -14.00
C LEU A 116 7.37 -21.47 -14.69
N GLY A 117 7.20 -21.45 -16.01
CA GLY A 117 7.35 -20.22 -16.74
C GLY A 117 6.17 -19.28 -16.57
N ASN A 118 6.40 -18.03 -16.96
CA ASN A 118 5.36 -17.02 -16.92
C ASN A 118 4.17 -17.46 -17.76
N GLY A 119 2.97 -17.40 -17.18
CA GLY A 119 1.75 -17.71 -17.91
C GLY A 119 1.14 -19.08 -17.63
N VAL A 120 1.83 -19.97 -16.92
CA VAL A 120 1.29 -21.30 -16.64
C VAL A 120 0.01 -21.17 -15.81
N GLN A 121 -0.99 -21.97 -16.16
CA GLN A 121 -2.30 -21.90 -15.53
C GLN A 121 -2.35 -22.87 -14.34
N CYS A 122 -2.80 -22.37 -13.20
CA CYS A 122 -2.73 -23.11 -11.95
C CYS A 122 -4.05 -22.94 -11.21
N LEU A 123 -4.20 -23.68 -10.11
CA LEU A 123 -5.36 -23.60 -9.25
C LEU A 123 -4.89 -23.46 -7.81
N ALA A 124 -5.34 -22.41 -7.14
CA ALA A 124 -5.14 -22.23 -5.70
C ALA A 124 -6.38 -22.69 -4.96
N MET A 125 -6.23 -22.98 -3.67
CA MET A 125 -7.38 -23.46 -2.90
C MET A 125 -7.11 -23.26 -1.42
N GLY A 126 -8.17 -23.26 -0.63
CA GLY A 126 -8.00 -23.10 0.80
C GLY A 126 -9.30 -22.70 1.47
N TRP A 127 -9.26 -22.66 2.81
CA TRP A 127 -10.40 -22.24 3.61
C TRP A 127 -10.20 -20.85 4.21
N GLY A 128 -9.29 -20.06 3.65
CA GLY A 128 -9.04 -18.73 4.16
C GLY A 128 -10.23 -17.78 3.99
N LEU A 129 -10.02 -16.56 4.46
CA LEU A 129 -11.02 -15.51 4.37
C LEU A 129 -11.56 -15.38 2.95
N LEU A 130 -12.87 -15.14 2.84
CA LEU A 130 -13.55 -14.96 1.56
C LEU A 130 -13.44 -13.55 1.02
N GLY A 131 -12.85 -12.63 1.78
CA GLY A 131 -12.62 -11.27 1.33
C GLY A 131 -11.74 -10.60 2.36
N ARG A 132 -11.26 -9.40 2.02
CA ARG A 132 -10.43 -8.65 2.96
C ARG A 132 -11.17 -8.46 4.29
N ASN A 133 -12.46 -8.22 4.23
CA ASN A 133 -13.34 -8.33 5.37
C ASN A 133 -13.98 -9.72 5.32
N ARG A 134 -15.04 -9.95 6.08
CA ARG A 134 -15.62 -11.31 6.14
C ARG A 134 -14.68 -12.36 6.76
N GLY A 135 -15.23 -13.53 7.06
CA GLY A 135 -14.51 -14.56 7.79
C GLY A 135 -14.06 -15.70 6.90
N ILE A 136 -13.48 -16.72 7.57
CA ILE A 136 -13.00 -17.88 6.83
C ILE A 136 -14.17 -18.55 6.10
N ALA A 137 -13.84 -19.28 5.05
CA ALA A 137 -14.83 -20.04 4.32
C ALA A 137 -15.30 -21.23 5.15
N SER A 138 -16.50 -21.70 4.85
CA SER A 138 -16.94 -22.99 5.36
C SER A 138 -16.57 -24.09 4.38
N VAL A 139 -16.94 -23.92 3.13
CA VAL A 139 -16.67 -24.88 2.08
C VAL A 139 -15.35 -24.52 1.41
N LEU A 140 -14.52 -25.53 1.18
CA LEU A 140 -13.25 -25.35 0.49
C LEU A 140 -13.44 -24.60 -0.81
N GLN A 141 -12.62 -23.57 -1.01
CA GLN A 141 -12.72 -22.70 -2.18
C GLN A 141 -11.55 -22.97 -3.12
N GLU A 142 -11.76 -22.77 -4.41
CA GLU A 142 -10.69 -22.90 -5.39
C GLU A 142 -10.71 -21.70 -6.32
N LEU A 143 -9.56 -21.43 -6.95
CA LEU A 143 -9.41 -20.22 -7.75
C LEU A 143 -8.40 -20.44 -8.87
N ASN A 144 -8.80 -20.14 -10.10
CA ASN A 144 -7.88 -20.20 -11.23
C ASN A 144 -6.92 -19.01 -11.16
N VAL A 145 -5.61 -19.31 -11.20
CA VAL A 145 -4.57 -18.29 -11.14
C VAL A 145 -3.55 -18.55 -12.23
N THR A 146 -2.73 -17.53 -12.50
CA THR A 146 -1.68 -17.60 -13.51
C THR A 146 -0.32 -17.32 -12.86
N VAL A 147 0.66 -18.16 -13.16
CA VAL A 147 2.02 -17.90 -12.71
C VAL A 147 2.54 -16.65 -13.37
N VAL A 148 3.18 -15.78 -12.59
CA VAL A 148 3.80 -14.57 -13.13
C VAL A 148 5.22 -14.47 -12.62
N THR A 149 6.08 -13.86 -13.43
CA THR A 149 7.46 -13.62 -13.02
C THR A 149 7.80 -12.15 -12.77
N SER A 150 6.95 -11.21 -13.17
CA SER A 150 7.19 -9.83 -12.78
C SER A 150 6.61 -9.58 -11.38
N LEU A 151 7.26 -8.68 -10.64
CA LEU A 151 6.93 -8.39 -9.24
C LEU A 151 6.98 -9.65 -8.37
N CYS A 152 7.94 -10.53 -8.66
CA CYS A 152 8.10 -11.74 -7.87
C CYS A 152 9.52 -11.81 -7.32
N ARG A 153 9.94 -12.98 -6.86
CA ARG A 153 11.32 -13.30 -6.51
C ARG A 153 11.64 -14.65 -7.12
N ARG A 154 12.91 -14.86 -7.48
CA ARG A 154 13.31 -16.17 -7.95
C ARG A 154 13.10 -17.25 -6.89
N SER A 155 13.14 -16.88 -5.61
CA SER A 155 12.94 -17.84 -4.53
C SER A 155 11.46 -18.09 -4.23
N ASN A 156 10.54 -17.61 -5.06
CA ASN A 156 9.12 -17.89 -4.87
C ASN A 156 8.49 -18.27 -6.19
N VAL A 157 7.33 -18.91 -6.10
CA VAL A 157 6.39 -19.00 -7.21
C VAL A 157 5.30 -17.98 -6.91
N CYS A 158 5.01 -17.09 -7.87
CA CYS A 158 4.02 -16.06 -7.67
C CYS A 158 2.90 -16.18 -8.68
N THR A 159 1.69 -15.84 -8.25
CA THR A 159 0.52 -15.97 -9.08
C THR A 159 -0.31 -14.69 -9.02
N LEU A 160 -1.01 -14.41 -10.11
CA LEU A 160 -1.88 -13.24 -10.20
C LEU A 160 -3.15 -13.65 -10.90
N VAL A 161 -4.23 -12.93 -10.61
CA VAL A 161 -5.45 -13.01 -11.41
C VAL A 161 -5.56 -11.68 -12.14
N ARG A 162 -5.45 -11.73 -13.46
CA ARG A 162 -5.49 -10.52 -14.27
C ARG A 162 -6.83 -9.80 -14.11
N GLY A 163 -6.75 -8.47 -13.93
CA GLY A 163 -7.92 -7.61 -14.02
C GLY A 163 -9.05 -7.92 -13.05
N ARG A 164 -8.74 -8.57 -11.93
CA ARG A 164 -9.72 -8.85 -10.90
C ARG A 164 -9.05 -8.72 -9.55
N GLN A 165 -9.84 -8.39 -8.54
CA GLN A 165 -9.35 -8.46 -7.16
C GLN A 165 -9.63 -9.85 -6.60
N ALA A 166 -8.68 -10.77 -6.80
CA ALA A 166 -8.84 -12.14 -6.35
C ALA A 166 -7.49 -12.68 -5.94
N GLY A 167 -7.48 -13.65 -5.03
CA GLY A 167 -6.24 -14.23 -4.56
C GLY A 167 -6.41 -14.89 -3.21
N VAL A 168 -5.27 -15.31 -2.63
CA VAL A 168 -5.31 -15.97 -1.33
C VAL A 168 -5.51 -14.93 -0.24
N CYS A 169 -5.98 -15.39 0.92
CA CYS A 169 -6.21 -14.51 2.05
C CYS A 169 -5.90 -15.27 3.33
N PHE A 170 -6.22 -14.65 4.45
CA PHE A 170 -5.69 -15.14 5.71
C PHE A 170 -6.37 -16.45 6.10
N GLY A 171 -5.55 -17.41 6.54
CA GLY A 171 -6.00 -18.78 6.66
C GLY A 171 -5.70 -19.64 5.46
N ASP A 172 -5.19 -19.06 4.37
CA ASP A 172 -4.81 -19.85 3.21
C ASP A 172 -3.34 -20.26 3.24
N SER A 173 -2.50 -19.62 4.05
CA SER A 173 -1.13 -20.05 4.23
C SER A 173 -1.07 -21.56 4.41
N GLY A 174 -0.05 -22.19 3.79
CA GLY A 174 0.14 -23.62 3.88
C GLY A 174 -0.57 -24.44 2.83
N SER A 175 -1.54 -23.85 2.14
CA SER A 175 -2.39 -24.53 1.16
C SER A 175 -1.63 -24.72 -0.14
N PRO A 176 -1.95 -25.79 -0.88
CA PRO A 176 -1.25 -26.08 -2.13
C PRO A 176 -1.65 -25.20 -3.28
N LEU A 177 -0.70 -25.04 -4.20
CA LEU A 177 -0.93 -24.51 -5.53
C LEU A 177 -0.74 -25.67 -6.51
N VAL A 178 -1.79 -26.00 -7.25
CA VAL A 178 -1.79 -27.17 -8.11
C VAL A 178 -1.62 -26.71 -9.56
N CYS A 179 -0.56 -27.20 -10.21
CA CYS A 179 -0.29 -26.88 -11.60
C CYS A 179 -0.02 -28.16 -12.35
N ASN A 180 -0.82 -28.43 -13.40
CA ASN A 180 -0.67 -29.63 -14.21
C ASN A 180 -0.72 -30.89 -13.35
N GLY A 181 -1.59 -30.87 -12.34
CA GLY A 181 -1.79 -31.99 -11.45
C GLY A 181 -0.76 -32.17 -10.35
N LEU A 182 0.23 -31.30 -10.25
CA LEU A 182 1.30 -31.44 -9.27
C LEU A 182 1.27 -30.28 -8.29
N ILE A 183 1.80 -30.51 -7.08
CA ILE A 183 1.82 -29.47 -6.05
C ILE A 183 3.10 -28.67 -6.25
N HIS A 184 2.95 -27.48 -6.84
CA HIS A 184 4.09 -26.61 -7.12
C HIS A 184 4.30 -25.49 -6.11
N GLY A 185 3.30 -25.18 -5.29
CA GLY A 185 3.44 -24.07 -4.36
C GLY A 185 2.79 -24.39 -3.03
N ILE A 186 3.27 -23.71 -1.99
CA ILE A 186 2.67 -23.62 -0.66
C ILE A 186 2.43 -22.14 -0.38
N ALA A 187 1.17 -21.75 -0.15
CA ALA A 187 0.88 -20.33 0.04
C ALA A 187 1.70 -19.73 1.18
N SER A 188 2.33 -18.58 0.93
CA SER A 188 3.24 -18.00 1.91
C SER A 188 2.82 -16.60 2.34
N PHE A 189 2.77 -15.61 1.44
CA PHE A 189 2.50 -14.25 1.89
C PHE A 189 1.87 -13.40 0.77
N VAL A 190 1.25 -12.29 1.19
CA VAL A 190 0.62 -11.35 0.28
C VAL A 190 1.27 -10.00 0.52
N ARG A 191 1.04 -9.08 -0.41
CA ARG A 191 1.59 -7.73 -0.35
C ARG A 191 0.46 -6.73 -0.51
N GLY A 192 0.50 -5.69 0.31
CA GLY A 192 -0.53 -4.65 0.25
C GLY A 192 -1.93 -5.17 0.48
N GLY A 193 -2.08 -6.19 1.29
CA GLY A 193 -3.39 -6.75 1.59
C GLY A 193 -3.81 -7.87 0.65
N CYS A 194 -4.86 -8.57 1.05
CA CYS A 194 -5.42 -9.63 0.23
C CYS A 194 -6.03 -9.08 -1.05
N ALA A 195 -5.76 -9.76 -2.17
CA ALA A 195 -6.48 -9.54 -3.42
C ALA A 195 -6.36 -8.09 -3.87
N SER A 196 -5.14 -7.55 -3.80
CA SER A 196 -4.90 -6.17 -4.23
C SER A 196 -5.14 -5.97 -5.71
N GLY A 197 -5.05 -7.03 -6.51
CA GLY A 197 -5.09 -6.91 -7.95
C GLY A 197 -3.80 -6.42 -8.58
N LEU A 198 -2.81 -6.02 -7.79
CA LEU A 198 -1.55 -5.47 -8.27
C LEU A 198 -0.37 -6.37 -7.93
N TYR A 199 -0.25 -6.79 -6.67
CA TYR A 199 0.90 -7.53 -6.22
C TYR A 199 0.58 -9.02 -6.24
N PRO A 200 1.37 -9.83 -6.94
CA PRO A 200 1.11 -11.28 -6.96
C PRO A 200 1.23 -11.90 -5.59
N ASP A 201 0.45 -12.97 -5.38
CA ASP A 201 0.61 -13.78 -4.18
C ASP A 201 1.89 -14.61 -4.28
N ALA A 202 2.52 -14.89 -3.15
CA ALA A 202 3.81 -15.57 -3.13
C ALA A 202 3.64 -16.93 -2.49
N PHE A 203 4.19 -17.96 -3.15
CA PHE A 203 4.13 -19.34 -2.70
C PHE A 203 5.54 -19.87 -2.51
N ALA A 204 5.74 -20.72 -1.52
CA ALA A 204 7.02 -21.38 -1.40
C ALA A 204 7.19 -22.36 -2.57
N PRO A 205 8.36 -22.38 -3.22
CA PRO A 205 8.50 -23.16 -4.45
C PRO A 205 8.79 -24.64 -4.19
N VAL A 206 7.76 -25.49 -4.24
CA VAL A 206 7.91 -26.88 -3.80
C VAL A 206 9.01 -27.59 -4.57
N ALA A 207 9.09 -27.37 -5.88
CA ALA A 207 10.08 -28.08 -6.69
C ALA A 207 11.50 -27.83 -6.22
N GLN A 208 11.77 -26.70 -5.56
CA GLN A 208 13.14 -26.47 -5.11
C GLN A 208 13.51 -27.33 -3.91
N PHE A 209 12.54 -28.03 -3.30
CA PHE A 209 12.76 -28.74 -2.05
C PHE A 209 12.51 -30.24 -2.18
N VAL A 210 12.36 -30.75 -3.40
CA VAL A 210 11.88 -32.12 -3.57
C VAL A 210 12.91 -33.14 -3.06
N ASN A 211 14.19 -32.90 -3.31
CA ASN A 211 15.20 -33.84 -2.81
C ASN A 211 15.13 -33.95 -1.29
N TRP A 212 14.93 -32.81 -0.62
CA TRP A 212 14.82 -32.80 0.84
C TRP A 212 13.52 -33.46 1.29
N ILE A 213 12.40 -33.08 0.66
CA ILE A 213 11.14 -33.74 0.96
C ILE A 213 11.28 -35.26 0.84
N ASP A 214 11.86 -35.74 -0.27
CA ASP A 214 11.98 -37.18 -0.49
C ASP A 214 12.85 -37.84 0.56
N SER A 215 13.89 -37.16 1.03
CA SER A 215 14.75 -37.76 2.05
C SER A 215 14.00 -37.94 3.36
N ILE A 216 13.01 -37.09 3.63
CA ILE A 216 12.25 -37.20 4.87
C ILE A 216 11.14 -38.25 4.76
N ILE A 217 10.34 -38.18 3.69
CA ILE A 217 9.23 -39.12 3.54
C ILE A 217 9.68 -40.45 2.96
N GLN A 218 10.95 -40.58 2.59
CA GLN A 218 11.50 -41.78 1.93
C GLN A 218 10.77 -42.10 0.62
N VAL B 4 -9.11 -11.36 26.83
CA VAL B 4 -7.92 -11.42 27.67
C VAL B 4 -7.04 -10.19 27.46
N GLN B 5 -6.18 -9.93 28.45
CA GLN B 5 -5.29 -8.77 28.46
C GLN B 5 -3.91 -9.15 27.93
N VAL B 6 -3.38 -8.33 27.03
CA VAL B 6 -2.04 -8.53 26.47
C VAL B 6 -1.22 -7.26 26.68
N PRO B 7 -0.17 -7.30 27.51
CA PRO B 7 0.67 -6.11 27.69
C PRO B 7 1.38 -5.71 26.40
N TYR B 8 1.64 -4.42 26.29
CA TYR B 8 2.42 -3.91 25.19
C TYR B 8 3.28 -2.75 25.67
N THR B 9 4.35 -2.50 24.92
CA THR B 9 5.20 -1.34 25.12
C THR B 9 5.32 -0.57 23.82
N ILE B 10 5.60 0.72 23.96
CA ILE B 10 5.85 1.61 22.83
C ILE B 10 7.15 2.34 23.10
N THR B 11 8.07 2.26 22.16
CA THR B 11 9.32 2.98 22.21
C THR B 11 9.40 3.86 20.98
N VAL B 12 9.70 5.15 21.18
CA VAL B 12 9.74 6.14 20.11
C VAL B 12 11.10 6.82 20.18
N ASN B 13 11.87 6.72 19.08
CA ASN B 13 13.23 7.26 19.01
C ASN B 13 14.09 6.75 20.15
N GLY B 14 13.83 5.51 20.58
CA GLY B 14 14.54 4.89 21.68
C GLY B 14 14.17 5.40 23.04
N THR B 15 13.40 6.48 23.12
CA THR B 15 13.23 7.22 24.36
C THR B 15 11.83 7.13 24.87
N SER B 16 11.10 6.10 24.44
CA SER B 16 9.85 5.86 25.11
C SER B 16 10.15 4.72 26.03
N GLN B 17 9.11 4.16 26.68
CA GLN B 17 9.16 3.00 27.57
C GLN B 17 8.70 3.37 28.97
N ASN B 18 8.06 4.53 29.10
CA ASN B 18 7.61 4.94 30.42
C ASN B 18 6.28 4.27 30.81
N ILE B 19 5.43 3.96 29.83
CA ILE B 19 4.01 3.68 30.05
C ILE B 19 3.78 2.17 30.04
N LEU B 20 2.94 1.69 30.96
CA LEU B 20 2.62 0.28 31.12
C LEU B 20 1.11 0.09 31.09
N SER B 21 0.60 -0.53 30.02
CA SER B 21 -0.83 -0.83 29.88
C SER B 21 -1.01 -2.04 28.96
N ASN B 22 -2.27 -2.36 28.63
CA ASN B 22 -2.63 -3.63 28.02
C ASN B 22 -3.58 -3.45 26.84
N LEU B 23 -3.58 -4.45 25.97
CA LEU B 23 -4.53 -4.63 24.87
C LEU B 23 -5.54 -5.71 25.23
N THR B 24 -6.68 -5.66 24.56
CA THR B 24 -7.80 -6.58 24.79
C THR B 24 -7.98 -7.46 23.56
N PHE B 25 -8.00 -8.78 23.78
CA PHE B 25 -8.23 -9.77 22.74
C PHE B 25 -9.32 -10.73 23.21
N ASN B 26 -9.92 -11.43 22.24
CA ASN B 26 -10.91 -12.47 22.53
C ASN B 26 -10.20 -13.79 22.72
N LYS B 27 -10.55 -14.52 23.77
CA LYS B 27 -9.90 -15.78 24.06
C LYS B 27 -10.14 -16.77 22.92
N ASN B 28 -9.05 -17.37 22.43
CA ASN B 28 -9.03 -18.45 21.45
C ASN B 28 -9.47 -18.03 20.06
N GLN B 29 -9.61 -16.73 19.81
CA GLN B 29 -10.03 -16.27 18.50
C GLN B 29 -8.84 -16.16 17.55
N ASN B 30 -8.99 -16.71 16.34
CA ASN B 30 -7.97 -16.60 15.32
C ASN B 30 -8.04 -15.23 14.64
N ILE B 31 -6.91 -14.54 14.56
CA ILE B 31 -6.82 -13.22 13.95
C ILE B 31 -5.66 -13.24 12.95
N SER B 32 -5.64 -12.26 12.06
CA SER B 32 -4.58 -12.13 11.08
C SER B 32 -3.60 -11.04 11.49
N TYR B 33 -2.47 -10.95 10.76
CA TYR B 33 -1.51 -9.88 11.00
C TYR B 33 -2.01 -8.53 10.52
N LYS B 34 -3.00 -8.51 9.61
CA LYS B 34 -3.63 -7.24 9.29
C LYS B 34 -4.51 -6.78 10.44
N ASP B 35 -5.20 -7.73 11.09
CA ASP B 35 -5.92 -7.40 12.33
C ASP B 35 -4.94 -6.85 13.36
N LEU B 36 -3.79 -7.52 13.53
CA LEU B 36 -2.83 -7.10 14.54
C LEU B 36 -2.23 -5.74 14.21
N GLU B 37 -1.95 -5.50 12.93
CA GLU B 37 -1.48 -4.19 12.51
C GLU B 37 -2.45 -3.08 12.93
N GLY B 38 -3.75 -3.30 12.75
CA GLY B 38 -4.71 -2.27 13.10
C GLY B 38 -4.75 -1.99 14.59
N LYS B 39 -4.54 -3.02 15.41
CA LYS B 39 -4.50 -2.83 16.85
C LYS B 39 -3.25 -2.06 17.27
N VAL B 40 -2.11 -2.37 16.63
CA VAL B 40 -0.87 -1.66 16.90
C VAL B 40 -0.97 -0.21 16.46
N LYS B 41 -1.55 0.03 15.29
CA LYS B 41 -1.69 1.41 14.82
C LYS B 41 -2.69 2.19 15.67
N SER B 42 -3.69 1.51 16.21
CA SER B 42 -4.68 2.19 17.05
C SER B 42 -4.05 2.67 18.35
N VAL B 43 -3.24 1.84 18.99
CA VAL B 43 -2.63 2.25 20.25
C VAL B 43 -1.48 3.21 20.02
N LEU B 44 -0.79 3.12 18.88
CA LEU B 44 0.17 4.17 18.56
C LEU B 44 -0.51 5.52 18.52
N GLU B 45 -1.70 5.58 17.93
CA GLU B 45 -2.39 6.85 17.82
C GLU B 45 -2.97 7.29 19.17
N SER B 46 -3.69 6.40 19.85
CA SER B 46 -4.36 6.85 21.08
C SER B 46 -3.36 7.13 22.21
N ASN B 47 -2.25 6.39 22.28
CA ASN B 47 -1.32 6.56 23.40
C ASN B 47 -0.32 7.67 23.13
N ARG B 48 0.17 7.80 21.90
CA ARG B 48 1.16 8.81 21.57
C ARG B 48 0.77 9.73 20.42
N GLY B 49 -0.44 9.63 19.89
CA GLY B 49 -0.78 10.47 18.76
C GLY B 49 0.06 10.24 17.52
N ILE B 50 0.69 9.08 17.41
CA ILE B 50 1.46 8.76 16.21
C ILE B 50 0.49 8.20 15.18
N THR B 51 0.24 8.98 14.14
CA THR B 51 -0.77 8.70 13.14
C THR B 51 -0.19 7.85 12.02
N ASP B 52 -1.07 7.41 11.12
CA ASP B 52 -0.61 6.69 9.93
C ASP B 52 0.42 7.51 9.15
N VAL B 53 0.14 8.81 8.96
CA VAL B 53 1.10 9.65 8.25
C VAL B 53 2.44 9.64 8.99
N ASP B 54 2.41 9.75 10.32
CA ASP B 54 3.64 9.74 11.10
C ASP B 54 4.42 8.45 10.87
N LEU B 55 3.73 7.32 10.83
CA LEU B 55 4.44 6.05 10.62
C LEU B 55 5.13 6.03 9.27
N ARG B 56 4.47 6.52 8.22
CA ARG B 56 5.09 6.49 6.91
C ARG B 56 6.30 7.41 6.85
N LEU B 57 6.27 8.51 7.59
CA LEU B 57 7.37 9.47 7.64
C LEU B 57 8.52 9.02 8.52
N SER B 58 8.32 8.01 9.37
CA SER B 58 9.35 7.57 10.29
C SER B 58 10.46 6.82 9.55
N LYS B 59 11.65 6.84 10.15
CA LYS B 59 12.78 6.11 9.56
C LYS B 59 12.55 4.61 9.59
N GLN B 60 12.00 4.10 10.69
CA GLN B 60 11.72 2.69 10.89
C GLN B 60 10.52 2.58 11.80
N ALA B 61 9.72 1.53 11.59
CA ALA B 61 8.55 1.28 12.43
C ALA B 61 8.29 -0.22 12.41
N LYS B 62 8.39 -0.85 13.57
CA LYS B 62 8.28 -2.30 13.69
C LYS B 62 7.50 -2.60 14.95
N TYR B 63 6.94 -3.81 15.02
CA TYR B 63 6.53 -4.33 16.31
C TYR B 63 6.92 -5.81 16.38
N THR B 64 7.16 -6.26 17.59
CA THR B 64 7.55 -7.63 17.87
C THR B 64 6.43 -8.29 18.65
N VAL B 65 5.98 -9.46 18.21
CA VAL B 65 4.99 -10.23 18.93
C VAL B 65 5.74 -11.32 19.67
N ASN B 66 5.57 -11.38 20.98
CA ASN B 66 6.16 -12.44 21.80
C ASN B 66 5.09 -13.49 22.09
N PHE B 67 5.41 -14.76 21.83
CA PHE B 67 4.44 -15.84 21.90
C PHE B 67 4.67 -16.72 23.12
N LYS B 68 3.60 -17.43 23.51
CA LYS B 68 3.69 -18.23 24.73
C LYS B 68 4.59 -19.43 24.57
N ASN B 69 4.93 -19.82 23.34
CA ASN B 69 5.91 -20.89 23.16
C ASN B 69 7.35 -20.40 23.21
N GLY B 70 7.57 -19.14 23.60
CA GLY B 70 8.91 -18.59 23.73
C GLY B 70 9.48 -17.98 22.48
N THR B 71 8.77 -18.06 21.36
CA THR B 71 9.30 -17.48 20.14
C THR B 71 8.82 -16.03 20.02
N LYS B 72 9.37 -15.35 19.02
CA LYS B 72 8.94 -14.00 18.71
C LYS B 72 8.91 -13.86 17.19
N LYS B 73 8.12 -12.88 16.72
CA LYS B 73 8.06 -12.54 15.31
C LYS B 73 8.15 -11.02 15.18
N VAL B 74 9.03 -10.56 14.31
CA VAL B 74 9.25 -9.12 14.13
C VAL B 74 8.55 -8.70 12.84
N ILE B 75 7.64 -7.73 12.95
CA ILE B 75 6.82 -7.27 11.82
C ILE B 75 7.24 -5.85 11.48
N ASP B 76 7.50 -5.59 10.20
CA ASP B 76 7.86 -4.27 9.71
C ASP B 76 6.59 -3.57 9.28
N LEU B 77 6.22 -2.50 9.99
CA LEU B 77 5.00 -1.74 9.68
C LEU B 77 5.10 -0.98 8.37
N LYS B 78 6.27 -0.92 7.75
CA LYS B 78 6.45 -0.22 6.49
C LYS B 78 6.65 -1.17 5.32
N SER B 79 6.65 -2.48 5.54
CA SER B 79 6.93 -3.38 4.43
C SER B 79 5.70 -3.72 3.62
N GLY B 80 4.51 -3.70 4.22
CA GLY B 80 3.32 -4.12 3.48
C GLY B 80 3.29 -5.59 3.15
N ILE B 81 4.09 -6.41 3.83
CA ILE B 81 4.10 -7.86 3.65
C ILE B 81 3.34 -8.49 4.81
N TYR B 82 2.48 -9.49 4.48
CA TYR B 82 1.68 -10.20 5.47
C TYR B 82 1.71 -11.69 5.14
N THR B 83 2.17 -12.49 6.08
CA THR B 83 1.96 -13.94 5.93
C THR B 83 0.48 -14.23 5.97
N ALA B 84 0.06 -15.26 5.22
CA ALA B 84 -1.36 -15.50 4.97
C ALA B 84 -1.97 -16.47 5.98
N ASN B 85 -1.48 -16.46 7.21
CA ASN B 85 -1.94 -17.37 8.24
C ASN B 85 -2.88 -16.67 9.22
N LEU B 86 -3.53 -17.47 10.05
CA LEU B 86 -4.25 -16.95 11.20
C LEU B 86 -3.53 -17.37 12.47
N ILE B 87 -3.65 -16.55 13.51
CA ILE B 87 -2.97 -16.80 14.77
C ILE B 87 -3.99 -16.77 15.89
N ASN B 88 -3.85 -17.70 16.84
CA ASN B 88 -4.71 -17.75 18.00
C ASN B 88 -4.34 -16.61 18.96
N SER B 89 -5.31 -15.76 19.29
CA SER B 89 -5.03 -14.59 20.12
C SER B 89 -4.56 -14.99 21.51
N SER B 90 -4.91 -16.19 21.96
CA SER B 90 -4.49 -16.69 23.26
C SER B 90 -3.02 -17.10 23.30
N ASP B 91 -2.36 -17.18 22.15
CA ASP B 91 -0.95 -17.54 22.14
C ASP B 91 -0.04 -16.32 22.26
N ILE B 92 -0.59 -15.12 22.22
CA ILE B 92 0.22 -13.91 22.31
C ILE B 92 0.51 -13.62 23.77
N LYS B 93 1.79 -13.46 24.10
CA LYS B 93 2.22 -13.10 25.45
C LYS B 93 2.33 -11.57 25.62
N SER B 94 2.93 -10.88 24.65
CA SER B 94 3.07 -9.41 24.73
C SER B 94 3.47 -8.88 23.37
N ILE B 95 3.41 -7.55 23.23
CA ILE B 95 3.80 -6.90 21.98
C ILE B 95 4.66 -5.69 22.31
N ASN B 96 5.80 -5.58 21.65
CA ASN B 96 6.68 -4.42 21.80
C ASN B 96 6.71 -3.63 20.50
N ILE B 97 6.31 -2.36 20.55
CA ILE B 97 6.26 -1.52 19.36
C ILE B 97 7.42 -0.53 19.42
N ASN B 98 8.07 -0.31 18.28
CA ASN B 98 9.30 0.47 18.20
C ASN B 98 9.20 1.36 16.96
N VAL B 99 9.13 2.68 17.16
CA VAL B 99 9.09 3.62 16.05
C VAL B 99 10.37 4.45 16.12
N ASP B 100 11.07 4.52 15.00
CA ASP B 100 12.42 5.07 14.94
C ASP B 100 13.27 4.51 16.09
N ILE C 1 -8.96 14.58 -10.44
CA ILE C 1 -10.14 14.10 -9.71
C ILE C 1 -10.65 12.78 -10.24
N VAL C 2 -10.76 11.80 -9.35
CA VAL C 2 -11.19 10.45 -9.71
C VAL C 2 -12.59 10.22 -9.18
N GLY C 3 -13.49 9.76 -10.06
CA GLY C 3 -14.87 9.56 -9.68
C GLY C 3 -15.68 10.82 -9.52
N GLY C 4 -15.23 11.92 -10.12
CA GLY C 4 -15.87 13.21 -9.93
C GLY C 4 -16.89 13.51 -11.00
N ARG C 5 -17.28 14.77 -11.05
CA ARG C 5 -18.23 15.24 -12.04
C ARG C 5 -17.67 16.49 -12.71
N ARG C 6 -18.10 16.71 -13.95
CA ARG C 6 -17.74 17.94 -14.64
C ARG C 6 -18.28 19.14 -13.88
N ALA C 7 -17.47 20.18 -13.79
CA ALA C 7 -17.95 21.45 -13.28
C ALA C 7 -18.66 22.19 -14.41
N ARG C 8 -19.79 22.83 -14.08
CA ARG C 8 -20.44 23.67 -15.07
C ARG C 8 -19.52 24.86 -15.40
N PRO C 9 -19.59 25.36 -16.63
CA PRO C 9 -18.53 26.27 -17.11
C PRO C 9 -18.36 27.49 -16.21
N HIS C 10 -17.12 27.71 -15.78
CA HIS C 10 -16.74 28.87 -14.97
C HIS C 10 -17.55 28.94 -13.68
N ALA C 11 -17.99 27.79 -13.16
CA ALA C 11 -18.75 27.79 -11.92
C ALA C 11 -17.90 28.24 -10.74
N TRP C 12 -16.58 27.98 -10.81
CA TRP C 12 -15.62 28.31 -9.77
C TRP C 12 -14.61 29.28 -10.36
N PRO C 13 -14.99 30.55 -10.54
CA PRO C 13 -14.14 31.49 -11.30
C PRO C 13 -12.87 31.91 -10.57
N PHE C 14 -12.61 31.39 -9.37
CA PHE C 14 -11.37 31.62 -8.65
C PHE C 14 -10.36 30.52 -8.89
N MET C 15 -10.77 29.44 -9.56
CA MET C 15 -9.92 28.30 -9.81
C MET C 15 -8.85 28.64 -10.84
N VAL C 16 -7.61 28.24 -10.56
CA VAL C 16 -6.46 28.64 -11.36
C VAL C 16 -5.73 27.38 -11.82
N SER C 17 -5.30 27.38 -13.08
CA SER C 17 -4.45 26.31 -13.60
C SER C 17 -3.03 26.85 -13.76
N LEU C 18 -2.09 26.27 -13.01
CA LEU C 18 -0.67 26.56 -13.19
C LEU C 18 -0.12 25.60 -14.23
N GLN C 19 0.61 26.15 -15.19
CA GLN C 19 0.99 25.39 -16.38
C GLN C 19 2.45 25.63 -16.73
N LEU C 20 3.11 24.57 -17.17
CA LEU C 20 4.47 24.67 -17.69
C LEU C 20 4.44 24.47 -19.21
N ARG C 21 5.63 24.35 -19.81
CA ARG C 21 5.73 24.19 -21.25
C ARG C 21 4.96 22.98 -21.75
N GLY C 22 4.74 22.00 -20.88
CA GLY C 22 4.01 20.79 -21.20
C GLY C 22 2.58 20.75 -20.70
N GLY C 23 2.09 21.83 -20.10
CA GLY C 23 0.69 21.89 -19.71
C GLY C 23 0.46 22.09 -18.23
N HIS C 24 -0.76 21.81 -17.80
CA HIS C 24 -1.16 21.97 -16.40
C HIS C 24 -0.41 20.98 -15.53
N PHE C 25 0.07 21.45 -14.37
CA PHE C 25 0.80 20.57 -13.45
C PHE C 25 0.35 20.75 -12.00
N CYS C 26 -0.18 21.93 -11.67
CA CYS C 26 -0.70 22.20 -10.34
C CYS C 26 -1.87 23.16 -10.44
N GLY C 27 -2.77 23.09 -9.45
CA GLY C 27 -3.81 24.07 -9.28
C GLY C 27 -3.39 25.21 -8.35
N ALA C 28 -4.26 26.22 -8.28
CA ALA C 28 -4.04 27.35 -7.39
C ALA C 28 -5.36 28.10 -7.29
N THR C 29 -5.39 29.12 -6.42
CA THR C 29 -6.62 29.84 -6.11
C THR C 29 -6.40 31.34 -6.14
N LEU C 30 -7.25 32.05 -6.89
CA LEU C 30 -7.23 33.50 -6.85
C LEU C 30 -7.82 33.96 -5.52
N ILE C 31 -6.97 34.56 -4.66
CA ILE C 31 -7.42 35.09 -3.38
C ILE C 31 -7.44 36.61 -3.39
N ALA C 32 -7.05 37.23 -4.49
CA ALA C 32 -7.10 38.66 -4.72
C ALA C 32 -6.71 38.89 -6.18
N PRO C 33 -7.07 40.05 -6.76
CA PRO C 33 -6.79 40.24 -8.19
C PRO C 33 -5.32 40.04 -8.57
N ASN C 34 -4.42 40.21 -7.60
CA ASN C 34 -2.98 40.12 -7.87
C ASN C 34 -2.28 38.98 -7.13
N PHE C 35 -3.02 38.04 -6.54
CA PHE C 35 -2.42 36.96 -5.76
C PHE C 35 -3.13 35.63 -5.99
N VAL C 36 -2.34 34.55 -6.10
CA VAL C 36 -2.87 33.19 -6.11
C VAL C 36 -2.21 32.40 -4.99
N MET C 37 -2.97 31.44 -4.46
CA MET C 37 -2.56 30.57 -3.37
C MET C 37 -2.47 29.14 -3.88
N SER C 38 -1.42 28.42 -3.47
CA SER C 38 -1.17 27.09 -3.99
C SER C 38 -0.43 26.29 -2.93
N ALA C 39 -0.08 25.06 -3.27
CA ALA C 39 0.76 24.24 -2.40
C ALA C 39 2.24 24.57 -2.64
N ALA C 40 2.99 24.66 -1.55
CA ALA C 40 4.41 24.98 -1.64
C ALA C 40 5.19 23.96 -2.46
N HIS C 41 4.90 22.66 -2.27
CA HIS C 41 5.64 21.66 -3.03
C HIS C 41 5.39 21.77 -4.53
N CYS C 42 4.40 22.56 -4.96
CA CYS C 42 4.18 22.76 -6.40
C CYS C 42 5.28 23.61 -7.03
N VAL C 43 5.86 24.55 -6.29
CA VAL C 43 6.84 25.48 -6.83
C VAL C 43 8.22 25.30 -6.22
N ALA C 44 8.38 24.36 -5.28
CA ALA C 44 9.67 24.20 -4.61
C ALA C 44 10.77 23.77 -5.57
N ASN C 45 10.40 23.07 -6.65
CA ASN C 45 11.38 22.44 -7.53
C ASN C 45 11.23 22.89 -8.98
N VAL C 46 10.43 23.92 -9.24
CA VAL C 46 10.23 24.40 -10.60
C VAL C 46 10.90 25.77 -10.71
N ASN C 47 11.34 26.09 -11.91
CA ASN C 47 11.85 27.42 -12.18
C ASN C 47 10.65 28.35 -12.39
N VAL C 48 10.44 29.26 -11.44
CA VAL C 48 9.24 30.07 -11.40
C VAL C 48 9.08 30.91 -12.67
N ARG C 49 10.21 31.22 -13.35
CA ARG C 49 10.17 31.96 -14.61
C ARG C 49 9.12 31.39 -15.56
N ALA C 50 9.12 30.08 -15.76
CA ALA C 50 8.33 29.43 -16.80
C ALA C 50 6.89 29.16 -16.39
N VAL C 51 6.49 29.57 -15.19
CA VAL C 51 5.15 29.27 -14.67
C VAL C 51 4.16 30.31 -15.19
N ARG C 52 3.24 29.86 -16.04
CA ARG C 52 2.11 30.67 -16.48
C ARG C 52 0.90 30.37 -15.61
N VAL C 53 0.21 31.43 -15.21
CA VAL C 53 -0.92 31.36 -14.30
C VAL C 53 -2.19 31.58 -15.11
N VAL C 54 -3.01 30.55 -15.26
CA VAL C 54 -4.17 30.59 -16.13
C VAL C 54 -5.41 30.84 -15.28
N LEU C 55 -6.01 32.02 -15.43
CA LEU C 55 -7.29 32.32 -14.82
C LEU C 55 -8.41 32.06 -15.81
N GLY C 56 -9.59 31.76 -15.28
CA GLY C 56 -10.80 31.69 -16.09
C GLY C 56 -10.81 30.60 -17.15
N ALA C 57 -10.18 29.47 -16.89
CA ALA C 57 -10.25 28.36 -17.82
C ALA C 57 -11.39 27.41 -17.45
N HIS C 58 -11.72 26.52 -18.39
CA HIS C 58 -12.66 25.44 -18.08
C HIS C 58 -12.25 24.12 -18.74
N ASN C 59 -12.24 24.07 -20.06
CA ASN C 59 -11.84 22.88 -20.82
C ASN C 59 -10.41 23.12 -21.31
N LEU C 60 -9.45 22.46 -20.65
CA LEU C 60 -8.04 22.75 -20.92
C LEU C 60 -7.61 22.20 -22.29
N SER C 61 -8.24 21.13 -22.78
CA SER C 61 -7.91 20.54 -24.08
C SER C 61 -8.32 21.42 -25.26
N ARG C 62 -8.75 22.65 -25.04
CA ARG C 62 -9.02 23.60 -26.12
C ARG C 62 -8.62 24.99 -25.66
N ARG C 63 -8.36 25.85 -26.64
CA ARG C 63 -8.06 27.25 -26.38
C ARG C 63 -9.34 27.98 -26.00
N GLU C 64 -9.22 28.99 -25.13
CA GLU C 64 -10.41 29.69 -24.60
C GLU C 64 -10.21 31.20 -24.52
N PRO C 65 -11.15 32.00 -25.05
CA PRO C 65 -10.98 33.46 -25.00
C PRO C 65 -11.25 34.05 -23.62
N THR C 66 -12.02 33.35 -22.77
CA THR C 66 -12.30 33.78 -21.41
C THR C 66 -11.08 33.75 -20.50
N ARG C 67 -9.95 33.21 -20.95
CA ARG C 67 -8.80 33.06 -20.09
C ARG C 67 -8.01 34.35 -19.99
N GLN C 68 -7.57 34.67 -18.78
CA GLN C 68 -6.56 35.70 -18.53
C GLN C 68 -5.31 35.01 -18.00
N VAL C 69 -4.14 35.41 -18.50
CA VAL C 69 -2.91 34.68 -18.24
C VAL C 69 -1.87 35.63 -17.66
N PHE C 70 -1.25 35.21 -16.57
CA PHE C 70 -0.28 36.03 -15.86
C PHE C 70 1.02 35.27 -15.66
N ALA C 71 2.07 36.02 -15.37
CA ALA C 71 3.34 35.46 -14.95
C ALA C 71 3.54 35.67 -13.45
N VAL C 72 4.21 34.71 -12.81
CA VAL C 72 4.54 34.82 -11.39
C VAL C 72 5.67 35.82 -11.22
N GLN C 73 5.58 36.65 -10.20
CA GLN C 73 6.56 37.72 -9.99
C GLN C 73 7.39 37.52 -8.73
N ARG C 74 6.75 37.27 -7.58
CA ARG C 74 7.46 36.94 -6.35
C ARG C 74 6.62 35.94 -5.55
N ILE C 75 7.29 35.22 -4.64
CA ILE C 75 6.66 34.13 -3.92
C ILE C 75 6.78 34.34 -2.43
N PHE C 76 5.79 33.84 -1.69
CA PHE C 76 5.77 33.93 -0.23
C PHE C 76 5.50 32.55 0.35
N GLU C 77 6.40 32.08 1.18
CA GLU C 77 6.20 30.84 1.92
C GLU C 77 6.22 31.15 3.42
N ASN C 78 5.95 30.12 4.21
CA ASN C 78 5.74 30.30 5.65
C ASN C 78 6.06 29.03 6.42
N GLY C 79 7.34 28.69 6.52
CA GLY C 79 7.71 27.51 7.28
C GLY C 79 7.39 26.19 6.62
N TYR C 80 7.51 26.12 5.30
CA TYR C 80 7.27 24.86 4.60
C TYR C 80 8.32 23.83 5.02
N ASP C 81 7.86 22.65 5.44
CA ASP C 81 8.70 21.51 5.81
C ASP C 81 8.58 20.43 4.75
N PRO C 82 9.48 20.37 3.77
CA PRO C 82 9.26 19.47 2.63
C PRO C 82 9.38 17.99 2.97
N VAL C 83 10.07 17.64 4.04
CA VAL C 83 10.22 16.23 4.37
C VAL C 83 8.97 15.70 5.06
N ASN C 84 8.37 16.51 5.95
CA ASN C 84 7.17 16.12 6.65
C ASN C 84 5.91 16.71 6.02
N LEU C 85 6.05 17.45 4.94
CA LEU C 85 4.90 18.03 4.25
C LEU C 85 4.05 18.85 5.22
N LEU C 86 4.71 19.67 6.03
CA LEU C 86 4.03 20.61 6.91
C LEU C 86 4.08 22.02 6.33
N ASN C 87 2.99 22.77 6.57
CA ASN C 87 2.82 24.14 6.07
C ASN C 87 3.02 24.22 4.56
N ASP C 88 2.38 23.29 3.86
CA ASP C 88 2.52 23.17 2.40
C ASP C 88 1.60 24.19 1.72
N ILE C 89 2.01 25.46 1.80
CA ILE C 89 1.23 26.56 1.25
C ILE C 89 2.20 27.61 0.68
N VAL C 90 1.83 28.16 -0.47
CA VAL C 90 2.60 29.23 -1.09
C VAL C 90 1.63 30.23 -1.73
N ILE C 91 1.98 31.51 -1.62
CA ILE C 91 1.26 32.60 -2.29
C ILE C 91 2.20 33.19 -3.34
N LEU C 92 1.69 33.33 -4.56
CA LEU C 92 2.46 33.83 -5.68
C LEU C 92 1.95 35.22 -6.05
N GLN C 93 2.88 36.10 -6.45
CA GLN C 93 2.55 37.44 -6.93
C GLN C 93 2.45 37.43 -8.44
N LEU C 94 1.34 37.94 -8.96
CA LEU C 94 1.15 38.00 -10.41
C LEU C 94 1.85 39.22 -10.98
N ASN C 95 2.14 39.17 -12.28
CA ASN C 95 2.81 40.29 -12.94
C ASN C 95 1.81 41.38 -13.29
N GLY C 96 0.82 41.56 -12.44
CA GLY C 96 -0.28 42.47 -12.70
C GLY C 96 -1.46 42.10 -11.83
N SER C 97 -2.62 42.62 -12.20
CA SER C 97 -3.85 42.36 -11.46
C SER C 97 -4.93 41.88 -12.42
N ALA C 98 -5.64 40.83 -12.02
CA ALA C 98 -6.77 40.36 -12.81
C ALA C 98 -7.90 41.38 -12.78
N THR C 99 -8.67 41.41 -13.87
CA THR C 99 -9.89 42.19 -13.92
C THR C 99 -11.05 41.24 -13.61
N ILE C 100 -11.74 41.50 -12.51
CA ILE C 100 -12.76 40.57 -12.04
C ILE C 100 -13.96 40.62 -12.96
N ASN C 101 -14.43 39.45 -13.39
CA ASN C 101 -15.63 39.37 -14.21
C ASN C 101 -16.35 38.06 -13.86
N ALA C 102 -17.26 37.63 -14.73
CA ALA C 102 -17.94 36.36 -14.51
C ALA C 102 -16.98 35.17 -14.64
N ASN C 103 -15.91 35.32 -15.43
CA ASN C 103 -14.96 34.23 -15.64
C ASN C 103 -13.85 34.20 -14.60
N VAL C 104 -13.46 35.35 -14.07
CA VAL C 104 -12.36 35.47 -13.12
C VAL C 104 -12.86 36.18 -11.87
N GLN C 105 -12.68 35.57 -10.71
CA GLN C 105 -13.20 36.15 -9.49
C GLN C 105 -12.34 35.74 -8.30
N VAL C 106 -12.47 36.50 -7.22
CA VAL C 106 -11.66 36.29 -6.02
C VAL C 106 -12.41 35.38 -5.06
N ALA C 107 -11.68 34.44 -4.46
CA ALA C 107 -12.27 33.51 -3.51
C ALA C 107 -12.24 34.11 -2.11
N GLN C 108 -13.16 33.65 -1.27
CA GLN C 108 -13.20 34.02 0.14
C GLN C 108 -12.64 32.90 1.01
N LEU C 109 -11.79 33.26 1.92
CA LEU C 109 -11.16 32.38 2.89
C LEU C 109 -11.95 32.40 4.19
N PRO C 110 -11.87 31.34 4.98
CA PRO C 110 -12.62 31.28 6.24
C PRO C 110 -11.91 32.07 7.32
N ALA C 111 -12.48 32.03 8.53
CA ALA C 111 -11.88 32.69 9.68
C ALA C 111 -10.69 31.88 10.22
N GLN C 112 -9.76 32.60 10.83
CA GLN C 112 -8.62 31.95 11.47
C GLN C 112 -9.09 30.98 12.53
N GLY C 113 -8.49 29.79 12.55
CA GLY C 113 -8.70 28.84 13.62
C GLY C 113 -9.88 27.91 13.43
N ARG C 114 -10.75 28.15 12.45
CA ARG C 114 -11.91 27.29 12.25
C ARG C 114 -11.48 25.89 11.83
N ARG C 115 -11.91 24.87 12.57
CA ARG C 115 -11.65 23.48 12.23
C ARG C 115 -12.95 22.81 11.82
N LEU C 116 -12.90 22.02 10.75
CA LEU C 116 -14.09 21.40 10.17
C LEU C 116 -14.37 20.05 10.81
N GLY C 117 -15.65 19.78 11.07
CA GLY C 117 -16.01 18.58 11.80
C GLY C 117 -16.15 17.36 10.90
N ASN C 118 -16.14 16.19 11.54
CA ASN C 118 -16.32 14.93 10.83
C ASN C 118 -17.68 14.92 10.15
N GLY C 119 -17.68 14.73 8.83
CA GLY C 119 -18.90 14.59 8.05
C GLY C 119 -19.22 15.75 7.14
N VAL C 120 -18.63 16.92 7.36
CA VAL C 120 -18.88 18.08 6.52
C VAL C 120 -18.73 17.73 5.05
N GLN C 121 -19.79 17.93 4.28
CA GLN C 121 -19.75 17.67 2.85
C GLN C 121 -19.11 18.85 2.13
N CYS C 122 -18.09 18.56 1.33
CA CYS C 122 -17.28 19.56 0.66
C CYS C 122 -17.23 19.22 -0.82
N LEU C 123 -16.59 20.10 -1.59
CA LEU C 123 -16.35 19.89 -3.01
C LEU C 123 -14.86 20.10 -3.29
N ALA C 124 -14.20 19.09 -3.83
CA ALA C 124 -12.85 19.24 -4.35
C ALA C 124 -12.91 19.44 -5.85
N MET C 125 -11.84 19.99 -6.41
CA MET C 125 -11.86 20.33 -7.82
C MET C 125 -10.45 20.46 -8.37
N GLY C 126 -10.30 20.18 -9.66
CA GLY C 126 -9.06 20.43 -10.34
C GLY C 126 -9.04 19.72 -11.68
N TRP C 127 -7.90 19.84 -12.36
CA TRP C 127 -7.69 19.24 -13.67
C TRP C 127 -6.76 18.02 -13.61
N GLY C 128 -6.66 17.37 -12.46
CA GLY C 128 -5.78 16.23 -12.31
C GLY C 128 -6.23 15.00 -13.08
N LEU C 129 -5.43 13.95 -12.96
CA LEU C 129 -5.74 12.69 -13.62
C LEU C 129 -7.13 12.20 -13.22
N LEU C 130 -7.81 11.54 -14.16
CA LEU C 130 -9.16 11.05 -13.91
C LEU C 130 -9.18 9.74 -13.12
N GLY C 131 -8.06 9.06 -13.03
CA GLY C 131 -8.02 7.80 -12.31
C GLY C 131 -6.58 7.32 -12.22
N ARG C 132 -6.39 6.29 -11.41
CA ARG C 132 -5.09 5.63 -11.33
C ARG C 132 -4.61 5.21 -12.72
N ASN C 133 -5.52 4.68 -13.53
CA ASN C 133 -5.23 4.19 -14.87
C ASN C 133 -5.35 5.26 -15.95
N ARG C 134 -5.84 6.46 -15.63
CA ARG C 134 -6.35 7.39 -16.63
C ARG C 134 -5.52 8.66 -16.68
N GLY C 135 -5.72 9.44 -17.74
CA GLY C 135 -4.96 10.65 -17.97
C GLY C 135 -5.63 11.90 -17.44
N ILE C 136 -5.06 13.05 -17.83
CA ILE C 136 -5.52 14.35 -17.36
C ILE C 136 -6.95 14.60 -17.81
N ALA C 137 -7.76 15.20 -16.94
CA ALA C 137 -9.11 15.60 -17.28
C ALA C 137 -9.10 16.85 -18.16
N SER C 138 -10.05 16.91 -19.10
CA SER C 138 -10.15 18.06 -19.99
C SER C 138 -10.96 19.18 -19.35
N VAL C 139 -12.17 18.86 -18.95
CA VAL C 139 -13.03 19.82 -18.25
C VAL C 139 -12.67 19.81 -16.77
N LEU C 140 -12.70 21.00 -16.16
CA LEU C 140 -12.52 21.12 -14.72
C LEU C 140 -13.47 20.16 -14.01
N GLN C 141 -12.90 19.27 -13.20
CA GLN C 141 -13.69 18.29 -12.48
C GLN C 141 -13.94 18.75 -11.04
N GLU C 142 -15.02 18.24 -10.47
CA GLU C 142 -15.39 18.55 -9.10
C GLU C 142 -15.95 17.28 -8.46
N LEU C 143 -15.84 17.19 -7.13
CA LEU C 143 -16.12 15.93 -6.45
C LEU C 143 -16.68 16.19 -5.07
N ASN C 144 -17.83 15.58 -4.77
CA ASN C 144 -18.38 15.61 -3.43
C ASN C 144 -17.54 14.72 -2.53
N VAL C 145 -16.75 15.33 -1.64
CA VAL C 145 -15.97 14.61 -0.65
C VAL C 145 -16.46 14.99 0.73
N THR C 146 -16.08 14.16 1.70
CA THR C 146 -16.52 14.30 3.10
C THR C 146 -15.29 14.44 3.98
N VAL C 147 -15.23 15.51 4.77
CA VAL C 147 -14.15 15.69 5.73
C VAL C 147 -14.19 14.56 6.75
N VAL C 148 -13.03 13.93 6.99
CA VAL C 148 -12.93 12.88 7.99
C VAL C 148 -11.85 13.24 9.00
N THR C 149 -11.92 12.58 10.16
CA THR C 149 -11.03 12.86 11.27
C THR C 149 -10.07 11.71 11.58
N SER C 150 -10.42 10.48 11.24
CA SER C 150 -9.52 9.35 11.44
C SER C 150 -8.55 9.24 10.26
N LEU C 151 -7.42 8.56 10.51
CA LEU C 151 -6.37 8.35 9.51
C LEU C 151 -5.92 9.69 8.91
N CYS C 152 -5.82 10.71 9.74
CA CYS C 152 -5.37 12.03 9.29
C CYS C 152 -4.29 12.51 10.25
N ARG C 153 -3.97 13.79 10.17
CA ARG C 153 -3.14 14.50 11.13
C ARG C 153 -3.92 15.69 11.64
N ARG C 154 -3.49 16.23 12.79
CA ARG C 154 -4.07 17.49 13.23
C ARG C 154 -3.56 18.67 12.41
N SER C 155 -2.53 18.48 11.59
CA SER C 155 -1.97 19.52 10.77
C SER C 155 -2.43 19.45 9.30
N ASN C 156 -3.49 18.69 9.03
CA ASN C 156 -4.08 18.64 7.70
C ASN C 156 -5.60 18.57 7.82
N VAL C 157 -6.28 18.90 6.72
CA VAL C 157 -7.69 18.57 6.54
C VAL C 157 -7.74 17.39 5.58
N CYS C 158 -8.47 16.33 5.94
CA CYS C 158 -8.49 15.11 5.15
C CYS C 158 -9.90 14.78 4.70
N THR C 159 -10.01 14.32 3.45
CA THR C 159 -11.29 14.02 2.82
C THR C 159 -11.30 12.59 2.33
N LEU C 160 -12.49 12.00 2.31
CA LEU C 160 -12.68 10.65 1.80
C LEU C 160 -14.06 10.56 1.18
N VAL C 161 -14.16 9.77 0.12
CA VAL C 161 -15.43 9.45 -0.51
C VAL C 161 -15.77 8.02 -0.10
N ARG C 162 -16.72 7.88 0.81
CA ARG C 162 -17.00 6.56 1.38
C ARG C 162 -17.61 5.64 0.33
N GLY C 163 -17.34 4.34 0.50
CA GLY C 163 -17.92 3.32 -0.35
C GLY C 163 -17.54 3.40 -1.82
N ARG C 164 -16.54 4.22 -2.14
CA ARG C 164 -16.08 4.36 -3.50
C ARG C 164 -14.59 4.69 -3.50
N GLN C 165 -13.97 4.49 -4.66
CA GLN C 165 -12.57 4.86 -4.88
C GLN C 165 -12.54 6.20 -5.60
N ALA C 166 -12.73 7.27 -4.83
CA ALA C 166 -12.72 8.62 -5.35
C ALA C 166 -11.80 9.48 -4.49
N GLY C 167 -11.29 10.54 -5.10
CA GLY C 167 -10.38 11.43 -4.43
C GLY C 167 -9.57 12.22 -5.44
N VAL C 168 -8.60 12.97 -4.91
CA VAL C 168 -7.75 13.81 -5.76
C VAL C 168 -6.64 12.96 -6.35
N CYS C 169 -6.05 13.46 -7.44
CA CYS C 169 -4.98 12.69 -8.08
C CYS C 169 -3.94 13.66 -8.63
N PHE C 170 -2.99 13.13 -9.39
CA PHE C 170 -1.81 13.92 -9.75
C PHE C 170 -2.18 15.06 -10.69
N GLY C 171 -1.68 16.25 -10.37
CA GLY C 171 -2.10 17.46 -11.03
C GLY C 171 -3.12 18.26 -10.24
N ASP C 172 -3.73 17.64 -9.23
CA ASP C 172 -4.68 18.34 -8.39
C ASP C 172 -4.04 19.08 -7.22
N SER C 173 -2.76 18.81 -6.89
CA SER C 173 -2.05 19.57 -5.88
C SER C 173 -2.29 21.08 -6.08
N GLY C 174 -2.32 21.81 -4.97
CA GLY C 174 -2.58 23.25 -5.02
C GLY C 174 -4.02 23.66 -5.21
N SER C 175 -4.90 22.74 -5.58
CA SER C 175 -6.25 23.18 -5.88
C SER C 175 -7.06 23.35 -4.58
N PRO C 176 -8.10 24.18 -4.61
CA PRO C 176 -8.84 24.43 -3.38
C PRO C 176 -9.76 23.30 -3.01
N LEU C 177 -9.98 23.16 -1.71
CA LEU C 177 -11.11 22.42 -1.16
C LEU C 177 -12.13 23.45 -0.69
N VAL C 178 -13.32 23.43 -1.28
CA VAL C 178 -14.35 24.42 -0.97
C VAL C 178 -15.39 23.81 -0.03
N CYS C 179 -15.46 24.35 1.19
CA CYS C 179 -16.51 23.97 2.12
C CYS C 179 -17.21 25.23 2.59
N ASN C 180 -18.55 25.16 2.68
CA ASN C 180 -19.36 26.33 3.02
C ASN C 180 -19.06 27.50 2.09
N GLY C 181 -18.70 27.22 0.84
CA GLY C 181 -18.34 28.29 -0.07
C GLY C 181 -17.05 29.00 0.27
N LEU C 182 -16.24 28.44 1.16
CA LEU C 182 -14.96 29.02 1.57
C LEU C 182 -13.84 28.02 1.29
N ILE C 183 -12.63 28.55 1.13
CA ILE C 183 -11.48 27.73 0.76
C ILE C 183 -10.85 27.24 2.05
N HIS C 184 -11.12 25.98 2.41
CA HIS C 184 -10.58 25.41 3.63
C HIS C 184 -9.32 24.59 3.43
N GLY C 185 -9.04 24.12 2.21
CA GLY C 185 -7.88 23.27 1.98
C GLY C 185 -7.22 23.56 0.66
N ILE C 186 -5.93 23.25 0.61
CA ILE C 186 -5.11 23.24 -0.59
C ILE C 186 -4.61 21.81 -0.76
N ALA C 187 -4.95 21.17 -1.88
CA ALA C 187 -4.58 19.76 -2.03
C ALA C 187 -3.08 19.57 -1.90
N SER C 188 -2.68 18.59 -1.08
CA SER C 188 -1.26 18.37 -0.78
C SER C 188 -0.77 16.98 -1.16
N PHE C 189 -1.28 15.92 -0.55
CA PHE C 189 -0.74 14.60 -0.86
C PHE C 189 -1.77 13.50 -0.65
N VAL C 190 -1.49 12.36 -1.27
CA VAL C 190 -2.30 11.16 -1.20
C VAL C 190 -1.44 10.05 -0.60
N ARG C 191 -2.11 8.95 -0.21
CA ARG C 191 -1.45 7.81 0.42
C ARG C 191 -1.86 6.51 -0.27
N GLY C 192 -0.89 5.67 -0.58
CA GLY C 192 -1.17 4.45 -1.32
C GLY C 192 -1.91 4.71 -2.61
N GLY C 193 -1.49 5.72 -3.37
CA GLY C 193 -2.03 5.98 -4.68
C GLY C 193 -3.29 6.80 -4.65
N CYS C 194 -3.73 7.17 -5.84
CA CYS C 194 -4.97 7.94 -5.98
C CYS C 194 -6.18 7.08 -5.67
N ALA C 195 -7.12 7.67 -4.95
CA ALA C 195 -8.43 7.06 -4.70
C ALA C 195 -8.29 5.63 -4.20
N SER C 196 -7.48 5.46 -3.16
CA SER C 196 -7.39 4.13 -2.55
C SER C 196 -8.74 3.68 -2.04
N GLY C 197 -9.60 4.61 -1.66
CA GLY C 197 -10.82 4.27 -0.95
C GLY C 197 -10.62 3.92 0.50
N LEU C 198 -9.36 3.91 0.96
CA LEU C 198 -9.02 3.66 2.36
C LEU C 198 -8.36 4.87 3.00
N TYR C 199 -7.32 5.39 2.39
CA TYR C 199 -6.59 6.49 3.01
C TYR C 199 -7.14 7.82 2.53
N PRO C 200 -7.51 8.71 3.44
CA PRO C 200 -8.02 10.02 3.02
C PRO C 200 -6.93 10.87 2.41
N ASP C 201 -7.35 11.73 1.47
CA ASP C 201 -6.45 12.71 0.90
C ASP C 201 -6.15 13.82 1.92
N ALA C 202 -4.99 14.44 1.80
CA ALA C 202 -4.54 15.45 2.74
C ALA C 202 -4.48 16.81 2.07
N PHE C 203 -5.04 17.80 2.72
CA PHE C 203 -5.03 19.18 2.24
C PHE C 203 -4.30 20.04 3.26
N ALA C 204 -3.59 21.04 2.76
CA ALA C 204 -3.05 22.04 3.66
C ALA C 204 -4.21 22.78 4.34
N PRO C 205 -4.20 22.92 5.67
CA PRO C 205 -5.35 23.52 6.35
C PRO C 205 -5.36 25.05 6.27
N VAL C 206 -6.06 25.59 5.26
CA VAL C 206 -6.02 27.03 4.99
C VAL C 206 -6.43 27.83 6.21
N ALA C 207 -7.48 27.38 6.90
CA ALA C 207 -8.01 28.14 8.04
C ALA C 207 -6.98 28.34 9.14
N GLN C 208 -5.87 27.61 9.11
CA GLN C 208 -4.79 27.81 10.06
C GLN C 208 -3.82 28.91 9.64
N PHE C 209 -3.97 29.48 8.44
CA PHE C 209 -2.96 30.38 7.90
C PHE C 209 -3.50 31.76 7.52
N VAL C 210 -4.76 32.08 7.81
CA VAL C 210 -5.37 33.25 7.19
C VAL C 210 -4.78 34.56 7.70
N ASN C 211 -4.24 34.56 8.93
CA ASN C 211 -3.60 35.77 9.43
C ASN C 211 -2.27 36.02 8.72
N TRP C 212 -1.59 34.96 8.31
CA TRP C 212 -0.39 35.11 7.49
C TRP C 212 -0.72 35.51 6.06
N ILE C 213 -1.86 35.01 5.54
CA ILE C 213 -2.28 35.37 4.20
C ILE C 213 -2.71 36.83 4.15
N ASP C 214 -3.46 37.26 5.16
CA ASP C 214 -3.95 38.64 5.18
C ASP C 214 -2.81 39.65 5.28
N SER C 215 -1.79 39.31 6.07
CA SER C 215 -0.62 40.18 6.17
C SER C 215 0.00 40.46 4.81
N ILE C 216 -0.12 39.52 3.88
CA ILE C 216 0.52 39.67 2.57
C ILE C 216 -0.40 40.36 1.57
N ILE C 217 -1.66 39.94 1.52
CA ILE C 217 -2.57 40.40 0.48
C ILE C 217 -3.41 41.59 0.94
N GLN C 218 -2.99 42.28 2.01
CA GLN C 218 -3.70 43.44 2.54
C GLN C 218 -5.18 43.13 2.83
N VAL D 4 16.86 14.47 -23.24
CA VAL D 4 15.84 13.85 -22.40
C VAL D 4 16.35 12.50 -21.88
N GLN D 5 17.60 12.50 -21.42
CA GLN D 5 18.29 11.27 -21.08
C GLN D 5 18.40 10.98 -19.59
N VAL D 6 18.26 11.97 -18.73
CA VAL D 6 18.32 11.85 -17.26
C VAL D 6 19.20 10.70 -16.73
N PRO D 7 20.41 11.01 -16.29
CA PRO D 7 21.26 9.99 -15.67
C PRO D 7 20.81 9.62 -14.27
N TYR D 8 21.13 8.38 -13.88
CA TYR D 8 20.86 7.95 -12.52
C TYR D 8 22.02 7.12 -12.01
N THR D 9 22.16 7.11 -10.68
CA THR D 9 23.13 6.28 -9.98
C THR D 9 22.42 5.34 -9.02
N ILE D 10 23.09 4.27 -8.64
CA ILE D 10 22.57 3.34 -7.65
C ILE D 10 23.63 3.10 -6.58
N THR D 11 23.23 3.28 -5.32
CA THR D 11 24.01 2.90 -4.16
C THR D 11 23.30 1.79 -3.40
N VAL D 12 24.04 0.77 -2.99
CA VAL D 12 23.51 -0.38 -2.27
C VAL D 12 24.39 -0.60 -1.05
N ASN D 13 23.78 -0.59 0.13
CA ASN D 13 24.52 -0.74 1.40
C ASN D 13 25.71 0.20 1.49
N GLY D 14 25.55 1.43 1.01
CA GLY D 14 26.64 2.39 1.05
C GLY D 14 27.73 2.20 0.02
N THR D 15 27.60 1.26 -0.88
CA THR D 15 28.58 1.00 -1.94
C THR D 15 27.99 1.41 -3.28
N SER D 16 28.84 1.55 -4.28
CA SER D 16 28.35 1.73 -5.64
C SER D 16 29.36 1.14 -6.59
N GLN D 17 28.90 0.68 -7.75
CA GLN D 17 29.81 0.35 -8.84
C GLN D 17 30.13 1.57 -9.72
N ASN D 18 29.52 2.72 -9.45
CA ASN D 18 29.71 3.92 -10.30
C ASN D 18 29.48 3.61 -11.78
N ILE D 19 28.49 2.78 -12.04
CA ILE D 19 27.88 2.70 -13.36
C ILE D 19 26.90 3.86 -13.50
N LEU D 20 26.95 4.55 -14.62
CA LEU D 20 26.05 5.68 -14.84
C LEU D 20 25.21 5.39 -16.07
N SER D 21 23.94 5.07 -15.87
CA SER D 21 23.03 4.79 -16.96
C SER D 21 21.99 5.91 -17.05
N ASN D 22 21.13 5.82 -18.06
CA ASN D 22 20.18 6.87 -18.36
C ASN D 22 18.76 6.33 -18.37
N LEU D 23 17.83 7.15 -17.88
CA LEU D 23 16.41 6.91 -18.08
C LEU D 23 15.95 7.72 -19.28
N THR D 24 15.08 7.13 -20.10
CA THR D 24 14.53 7.83 -21.25
C THR D 24 13.17 8.41 -20.86
N PHE D 25 13.03 9.72 -21.07
CA PHE D 25 11.76 10.41 -20.85
C PHE D 25 11.31 11.05 -22.16
N ASN D 26 10.08 11.55 -22.15
CA ASN D 26 9.61 12.36 -23.25
C ASN D 26 9.79 13.82 -22.92
N LYS D 27 10.31 14.58 -23.88
CA LYS D 27 10.63 15.99 -23.69
C LYS D 27 9.38 16.80 -23.34
N ASN D 28 9.49 17.58 -22.27
CA ASN D 28 8.43 18.46 -21.77
C ASN D 28 7.17 17.71 -21.34
N GLN D 29 7.26 16.42 -21.02
CA GLN D 29 6.08 15.68 -20.59
C GLN D 29 5.94 15.73 -19.07
N ASN D 30 4.74 16.05 -18.61
CA ASN D 30 4.47 16.08 -17.17
C ASN D 30 4.23 14.67 -16.64
N ILE D 31 4.97 14.30 -15.59
CA ILE D 31 4.87 12.98 -14.98
C ILE D 31 4.58 13.14 -13.50
N SER D 32 4.11 12.04 -12.89
CA SER D 32 3.81 11.97 -11.47
C SER D 32 4.94 11.26 -10.74
N TYR D 33 4.95 11.41 -9.41
CA TYR D 33 5.92 10.65 -8.61
C TYR D 33 5.57 9.18 -8.53
N LYS D 34 4.33 8.80 -8.87
CA LYS D 34 4.02 7.39 -9.03
C LYS D 34 4.73 6.84 -10.28
N ASP D 35 4.73 7.62 -11.36
CA ASP D 35 5.51 7.26 -12.55
C ASP D 35 6.99 7.14 -12.24
N LEU D 36 7.56 8.17 -11.59
CA LEU D 36 8.98 8.12 -11.28
C LEU D 36 9.31 6.93 -10.38
N GLU D 37 8.46 6.66 -9.41
CA GLU D 37 8.67 5.47 -8.58
C GLU D 37 8.71 4.22 -9.44
N GLY D 38 7.81 4.15 -10.42
CA GLY D 38 7.80 3.01 -11.33
C GLY D 38 9.11 2.87 -12.08
N LYS D 39 9.68 4.00 -12.52
CA LYS D 39 10.95 3.94 -13.24
C LYS D 39 12.10 3.52 -12.32
N VAL D 40 12.11 4.01 -11.06
CA VAL D 40 13.19 3.66 -10.14
C VAL D 40 13.15 2.17 -9.81
N LYS D 41 11.96 1.64 -9.51
CA LYS D 41 11.83 0.20 -9.21
C LYS D 41 12.26 -0.64 -10.40
N SER D 42 11.98 -0.16 -11.61
CA SER D 42 12.30 -0.90 -12.83
C SER D 42 13.81 -1.04 -13.01
N VAL D 43 14.56 0.05 -12.84
CA VAL D 43 16.00 -0.05 -13.04
C VAL D 43 16.66 -0.77 -11.87
N LEU D 44 16.12 -0.66 -10.66
CA LEU D 44 16.67 -1.44 -9.55
C LEU D 44 16.59 -2.94 -9.86
N GLU D 45 15.49 -3.38 -10.48
CA GLU D 45 15.35 -4.80 -10.75
C GLU D 45 16.25 -5.23 -11.90
N SER D 46 16.28 -4.45 -12.98
CA SER D 46 17.05 -4.83 -14.15
C SER D 46 18.55 -4.63 -13.95
N ASN D 47 18.96 -3.62 -13.18
CA ASN D 47 20.39 -3.36 -12.96
C ASN D 47 20.99 -4.18 -11.83
N ARG D 48 20.27 -4.41 -10.73
CA ARG D 48 20.84 -5.06 -9.56
C ARG D 48 20.07 -6.30 -9.13
N GLY D 49 18.97 -6.63 -9.79
CA GLY D 49 18.15 -7.71 -9.30
C GLY D 49 17.41 -7.39 -8.03
N ILE D 50 17.25 -6.11 -7.69
CA ILE D 50 16.54 -5.73 -6.46
C ILE D 50 15.06 -5.65 -6.79
N THR D 51 14.29 -6.63 -6.32
CA THR D 51 12.88 -6.76 -6.65
C THR D 51 12.02 -5.96 -5.69
N ASP D 52 10.72 -5.89 -6.00
CA ASP D 52 9.77 -5.23 -5.11
C ASP D 52 9.79 -5.84 -3.71
N VAL D 53 9.87 -7.17 -3.61
CA VAL D 53 9.99 -7.80 -2.29
C VAL D 53 11.26 -7.35 -1.59
N ASP D 54 12.38 -7.36 -2.31
CA ASP D 54 13.64 -6.95 -1.69
C ASP D 54 13.56 -5.54 -1.14
N LEU D 55 12.82 -4.64 -1.80
CA LEU D 55 12.70 -3.27 -1.30
C LEU D 55 11.85 -3.22 -0.05
N ARG D 56 10.76 -3.99 -0.02
CA ARG D 56 9.93 -4.03 1.19
C ARG D 56 10.71 -4.59 2.36
N LEU D 57 11.66 -5.47 2.10
CA LEU D 57 12.44 -6.04 3.18
C LEU D 57 13.66 -5.21 3.53
N SER D 58 13.98 -4.16 2.77
CA SER D 58 15.19 -3.41 3.03
C SER D 58 15.04 -2.56 4.28
N LYS D 59 16.18 -2.29 4.93
CA LYS D 59 16.18 -1.39 6.09
C LYS D 59 15.69 0.00 5.69
N GLN D 60 16.10 0.49 4.52
CA GLN D 60 15.58 1.73 3.98
C GLN D 60 15.88 1.78 2.50
N ALA D 61 15.03 2.51 1.79
CA ALA D 61 15.11 2.60 0.34
C ALA D 61 14.59 3.97 -0.03
N LYS D 62 15.37 4.72 -0.77
CA LYS D 62 14.99 6.08 -1.12
C LYS D 62 15.58 6.44 -2.46
N TYR D 63 15.12 7.55 -3.01
CA TYR D 63 15.82 8.14 -4.14
C TYR D 63 15.67 9.65 -4.07
N THR D 64 16.61 10.31 -4.73
CA THR D 64 16.71 11.75 -4.70
C THR D 64 16.65 12.24 -6.13
N VAL D 65 15.72 13.15 -6.39
CA VAL D 65 15.60 13.82 -7.69
C VAL D 65 16.32 15.15 -7.58
N ASN D 66 17.35 15.33 -8.42
CA ASN D 66 18.04 16.60 -8.53
C ASN D 66 17.48 17.33 -9.74
N PHE D 67 17.05 18.57 -9.54
CA PHE D 67 16.41 19.37 -10.57
C PHE D 67 17.39 20.37 -11.16
N LYS D 68 17.11 20.76 -12.41
CA LYS D 68 18.05 21.61 -13.14
C LYS D 68 18.21 22.99 -12.51
N ASN D 69 17.28 23.43 -11.67
CA ASN D 69 17.42 24.71 -11.00
C ASN D 69 18.20 24.59 -9.68
N GLY D 70 18.78 23.42 -9.42
CA GLY D 70 19.61 23.25 -8.24
C GLY D 70 18.92 22.68 -7.02
N THR D 71 17.60 22.49 -7.06
CA THR D 71 16.86 21.96 -5.94
C THR D 71 16.83 20.43 -5.98
N LYS D 72 16.45 19.83 -4.87
CA LYS D 72 16.31 18.39 -4.81
C LYS D 72 15.10 18.00 -3.98
N LYS D 73 14.67 16.76 -4.15
CA LYS D 73 13.54 16.22 -3.42
C LYS D 73 13.93 14.78 -3.08
N VAL D 74 13.78 14.40 -1.81
CA VAL D 74 14.11 13.06 -1.33
C VAL D 74 12.80 12.30 -1.17
N ILE D 75 12.74 11.10 -1.74
CA ILE D 75 11.54 10.28 -1.73
C ILE D 75 11.85 8.99 -1.00
N ASP D 76 11.02 8.66 0.00
CA ASP D 76 11.12 7.39 0.72
C ASP D 76 10.28 6.37 -0.04
N LEU D 77 10.94 5.38 -0.64
CA LEU D 77 10.25 4.33 -1.39
C LEU D 77 9.36 3.47 -0.51
N LYS D 78 9.51 3.53 0.81
CA LYS D 78 8.67 2.73 1.71
C LYS D 78 7.57 3.55 2.36
N SER D 79 7.42 4.84 2.04
CA SER D 79 6.42 5.64 2.73
C SER D 79 5.02 5.50 2.14
N GLY D 80 4.91 5.29 0.83
CA GLY D 80 3.60 5.33 0.22
C GLY D 80 2.91 6.68 0.23
N ILE D 81 3.68 7.77 0.41
CA ILE D 81 3.15 9.13 0.34
C ILE D 81 3.52 9.74 -1.00
N TYR D 82 2.56 10.40 -1.65
CA TYR D 82 2.81 11.05 -2.93
C TYR D 82 2.14 12.42 -2.89
N THR D 83 2.94 13.46 -3.09
CA THR D 83 2.38 14.76 -3.39
C THR D 83 1.63 14.69 -4.71
N ALA D 84 0.53 15.46 -4.80
CA ALA D 84 -0.40 15.32 -5.92
C ALA D 84 -0.08 16.26 -7.08
N ASN D 85 1.20 16.58 -7.29
CA ASN D 85 1.61 17.45 -8.37
C ASN D 85 2.09 16.63 -9.56
N LEU D 86 2.28 17.30 -10.68
CA LEU D 86 3.03 16.77 -11.80
C LEU D 86 4.32 17.56 -11.92
N ILE D 87 5.34 16.95 -12.50
CA ILE D 87 6.62 17.60 -12.71
C ILE D 87 7.04 17.39 -14.16
N ASN D 88 7.87 18.30 -14.66
CA ASN D 88 8.29 18.29 -16.05
C ASN D 88 9.54 17.43 -16.21
N SER D 89 9.42 16.40 -17.06
CA SER D 89 10.54 15.50 -17.32
C SER D 89 11.81 16.26 -17.65
N SER D 90 11.68 17.38 -18.37
CA SER D 90 12.81 18.19 -18.80
C SER D 90 13.44 18.98 -17.66
N ASP D 91 12.81 19.05 -16.49
CA ASP D 91 13.38 19.74 -15.35
C ASP D 91 14.27 18.83 -14.49
N ILE D 92 14.29 17.52 -14.74
CA ILE D 92 15.06 16.61 -13.91
C ILE D 92 16.51 16.60 -14.38
N LYS D 93 17.44 16.85 -13.47
CA LYS D 93 18.86 16.79 -13.81
C LYS D 93 19.43 15.39 -13.69
N SER D 94 19.05 14.65 -12.66
CA SER D 94 19.61 13.33 -12.39
C SER D 94 18.83 12.74 -11.22
N ILE D 95 19.00 11.43 -11.02
CA ILE D 95 18.34 10.72 -9.92
C ILE D 95 19.38 9.84 -9.25
N ASN D 96 19.44 9.87 -7.92
CA ASN D 96 20.33 9.02 -7.15
C ASN D 96 19.51 8.07 -6.32
N ILE D 97 19.64 6.78 -6.58
CA ILE D 97 18.89 5.73 -5.89
C ILE D 97 19.78 5.11 -4.80
N ASN D 98 19.21 4.91 -3.61
CA ASN D 98 19.97 4.52 -2.41
C ASN D 98 19.18 3.43 -1.71
N VAL D 99 19.67 2.20 -1.70
CA VAL D 99 18.95 1.11 -1.04
C VAL D 99 19.82 0.58 0.10
N ASP D 100 19.27 0.58 1.31
CA ASP D 100 19.98 0.26 2.56
C ASP D 100 21.22 1.12 2.78
C1 NAG E . -9.62 -23.46 -14.22
C2 NAG E . -9.80 -23.55 -15.74
C3 NAG E . -10.37 -24.91 -16.15
C4 NAG E . -9.53 -26.05 -15.58
C5 NAG E . -9.39 -25.86 -14.07
C6 NAG E . -8.54 -26.91 -13.39
C7 NAG E . -10.20 -21.40 -16.86
C8 NAG E . -11.22 -20.39 -17.29
N2 NAG E . -10.66 -22.47 -16.22
O3 NAG E . -10.42 -24.97 -17.57
O4 NAG E . -10.17 -27.29 -15.84
O5 NAG E . -8.82 -24.58 -13.78
O6 NAG E . -7.41 -27.33 -14.14
O7 NAG E . -9.00 -21.25 -17.09
C1 NAG E . -9.65 -28.00 -16.99
C2 NAG E . -9.95 -29.48 -16.81
C3 NAG E . -9.46 -30.27 -18.03
C4 NAG E . -10.11 -29.71 -19.29
C5 NAG E . -9.82 -28.21 -19.41
C6 NAG E . -10.58 -27.57 -20.55
C7 NAG E . -9.99 -30.09 -14.44
C8 NAG E . -9.21 -30.66 -13.28
N2 NAG E . -9.33 -30.00 -15.60
O3 NAG E . -9.79 -31.64 -17.88
O4 NAG E . -9.61 -30.40 -20.44
O5 NAG E . -10.24 -27.53 -18.21
O6 NAG E . -11.93 -27.31 -20.18
O7 NAG E . -11.15 -29.73 -14.32
C1 FUC E . -6.30 -26.55 -13.66
C2 FUC E . -5.39 -27.45 -12.69
C3 FUC E . -4.47 -28.34 -13.47
C4 FUC E . -3.71 -27.50 -14.46
C5 FUC E . -4.70 -26.91 -15.46
C6 FUC E . -4.02 -26.08 -16.56
O2 FUC E . -6.12 -28.23 -11.75
O3 FUC E . -3.52 -28.93 -12.58
O4 FUC E . -3.03 -26.47 -13.76
O5 FUC E . -5.60 -26.02 -14.79
C1 NAG F . -3.38 -39.55 17.17
C2 NAG F . -4.06 -40.68 17.95
C3 NAG F . -5.59 -40.50 17.95
C4 NAG F . -5.97 -39.09 18.36
C5 NAG F . -5.22 -38.08 17.50
C6 NAG F . -5.52 -36.64 17.90
C7 NAG F . -3.27 -42.98 18.17
C8 NAG F . -2.94 -44.26 17.46
N2 NAG F . -3.70 -41.98 17.41
O3 NAG F . -6.16 -41.41 18.88
O4 NAG F . -7.37 -38.87 18.18
O5 NAG F . -3.81 -38.28 17.68
O6 NAG F . -5.35 -36.47 19.30
O7 NAG F . -3.14 -42.86 19.39
C1 NAG F . -8.07 -38.93 19.43
C2 NAG F . -9.44 -38.27 19.26
C3 NAG F . -10.28 -38.43 20.54
C4 NAG F . -10.31 -39.89 20.99
C5 NAG F . -8.89 -40.43 21.11
C6 NAG F . -8.86 -41.91 21.41
C7 NAG F . -9.51 -36.33 17.74
C8 NAG F . -9.32 -34.84 17.64
N2 NAG F . -9.29 -36.86 18.95
O3 NAG F . -11.60 -37.97 20.29
O4 NAG F . -10.96 -39.98 22.26
O5 NAG F . -8.22 -40.27 19.85
O6 NAG F . -9.09 -42.66 20.23
O7 NAG F . -9.84 -37.01 16.78
C1 FUC F . -6.05 -35.31 19.76
C2 FUC F . -5.93 -35.31 21.29
C3 FUC F . -4.46 -35.09 21.68
C4 FUC F . -3.96 -33.79 21.07
C5 FUC F . -4.12 -33.87 19.58
C6 FUC F . -3.71 -32.59 18.89
O2 FUC F . -6.42 -36.51 21.88
O3 FUC F . -4.29 -35.02 23.08
O4 FUC F . -4.74 -32.69 21.53
O5 FUC F . -5.50 -34.14 19.21
C1 NAG G . 2.39 39.34 -17.77
C2 NAG G . 2.39 40.52 -18.76
C3 NAG G . 1.74 40.13 -20.09
C4 NAG G . 2.36 38.85 -20.64
C5 NAG G . 2.27 37.74 -19.59
C6 NAG G . 2.92 36.45 -20.04
C7 NAG G . 2.34 42.60 -17.44
C8 NAG G . 1.49 43.72 -16.94
N2 NAG G . 1.73 41.68 -18.19
O3 NAG G . 1.91 41.18 -21.02
O4 NAG G . 1.66 38.44 -21.81
O5 NAG G . 2.96 38.16 -18.40
O6 NAG G . 4.22 36.65 -20.55
O7 NAG G . 3.55 42.52 -17.18
#